data_7Y6K
#
_entry.id   7Y6K
#
_cell.length_a   1.00
_cell.length_b   1.00
_cell.length_c   1.00
_cell.angle_alpha   90.00
_cell.angle_beta   90.00
_cell.angle_gamma   90.00
#
_symmetry.space_group_name_H-M   'P 1'
#
loop_
_entity.id
_entity.type
_entity.pdbx_description
1 polymer 'Spike glycoprotein'
2 polymer 'scFv region and Fab region of light chain from K202.B, bispecific antibody fusion protein'
3 polymer 'Fab region of heavy chain from K202.B, bispecific antibody'
4 non-polymer 2-acetamido-2-deoxy-beta-D-glucopyranose
#
loop_
_entity_poly.entity_id
_entity_poly.type
_entity_poly.pdbx_seq_one_letter_code
_entity_poly.pdbx_strand_id
1 'polypeptide(L)'
;MFVFLVLLPLVSSQCVNLTTRTQLPPAYTNSFTRGVYYPDKVFRSSVLHSTQDLFLPFFSNVTWFHAIHVSGTNGTKRFD
NPVLPFNDGVYFASTEKSNIIRGWIFGTTLDSKTQSLLIVNNATNVVIKVCEFQFCNDPFLGVYYHKNNKSWMESEFRVY
SSANNCTFEYVSQPFLMDLEGKQGNFKNLREFVFKNIDGYFKIYSKHTPINLVRDLPQGFSALEPLVDLPIGINITRFQT
LLALHRSYLTPGDSSSGWTAGAAAYYVGYLQPRTFLLKYNENGTITDAVDCALDPLSETKCTLKSFTVEKGIYQTSNFRV
QPTESIVRFPNITNLCPFGEVFNATRFASVYAWNRKRISNCVADYSVLYNSASFSTFKCYGVSPTKLNDLCFTNVYADSF
VIRGDEVRQIAPGQTGKIADYNYKLPDDFTGCVIAWNSNNLDSKVGGNYNYLYRLFRKSNLKPFERDISTEIYQAGSTPC
NGVEGFNCYFPLQSYGFQPTNGVGYQPYRVVVLSFELLHAPATVCGPKKSTNLVKNKCVNFNFNGLTGTGVLTESNKKFL
PFQQFGRDIADTTDAVRDPQTLEILDITPCSFGGVSVITPGTNTSNQVAVLYQDVNCTEVPVAIHADQLTPTWRVYSTGS
NVFQTRAGCLIGAEHVNNSYECDIPIGAGICASYQTQTNSPGSASSVASQSIIAYTMSLGAENSVAYSNNSIAIPTNFTI
SVTTEILPVSMTKTSVDCTMYICGDSTECSNLLLQYGSFCTQLNRALTGIAVEQDKNTQEVFAQVKQIYKTPPIKDFGGF
NFSQILPDPSKPSKRSPIEDLLFNKVTLADAGFIKQYGDCLGDIAARDLICAQKFNGLTVLPPLLTDEMIAQYTSALLAG
TITSGWTFGAGPALQIPFPMQMAYRFNGIGVTQNVLYENQKLIANQFNSAIGKIQDSLSSTPSALGKLQDVVNQNAQALN
TLVKQLSSNFGAISSVLNDILSRLDPPEAEVQIDRLITGRLQSLQTYVTQQLIRAAEIRASANLAATKMSECVLGQSKRV
DFCGKGYHLMSFPQSAPHGVVFLHVTYVPAQEKNFTTAPAICHDGKAHFPREGVFVSNGTHWFVTQRNFYEPQIITTDNT
FVSGNCDVVIGIVNNTVYDPLQPELDSFKEELDKYFKNHTSPDVDLGDISGINASVVNIQKEIDRLNEVAKNLNESLIDL
QELGKYEQ
;
B
2 'polypeptide(L)'
;EVQVLESGGGLVQPGGSLRLSCAASGFTFSSYDMSWVRQAPGKGLEWVSGISYSGGSTYYADSVKGRFTISRDNSKNTLY
LQMNSLRAEDTAVYYCARDVNFVPLVTFDYWGQGTLVTVSSGGGGSGGGGSGGGGSQSVLTQPPSASGTPGQRVTLSCTG
SSSNIGSNSVTWYQQLPGTAPKLLIYDDNQRPSGVPDRFSGSKSGTSASLAISGLRSEDEADYYCGTWDYSLSAYVFGGG
TKLTVLGGGGSGGGGSGGGGSQSVLTQPPSASGTPGQRVTISCSGSSSNIGSNAVSWYQQLPGTAPKLLIYADNKRPSGV
PDRFSGSKSGTSASLAISGLRSEDEADYYCGAWDSSLNAYVFGGGTKLTVLRTVAAPSVFIFPPSDEQLKSGTASVVCLL
NNFYPREAKVQWKVDNALQSGNSQESVTEQDSKDSTYSLSSTLTLSKADYEKHKVYACEVTHQGLSSPVTKSFNRGEC
;
E
3 'polypeptide(L)'
;EVQLLESGGGLVQPGGSLRLSCAASGFTFSDYAMSWVRQAPGKGLEWVSWIYSGSGNKYYADSVKGRFTISRDNSKNTLY
LQMNSLRAEDTAVYYCARFPIARTSNSQSSYDGMDVWGQGTLVTVSSASTKGPSVFPLAPCSRSTSESTAALGCLVKDYF
PEPVTVSWNSGALTSGVHTFPAVLQSSGLYSLSSVVTVPSSSLGTKTYTCNVDHKPSNTKVDKRVESKYGPPCPPCPAPE
FLGGPSVFLFPPKPKDTLMISRTPEVTCVVVDVSQEDPEVQFNWYVDGVEVHNAKTKPREEQFNSTYRVVSVLTVLHQDW
LNGKEYKCKVSNKGLPSSIEKTISKAKGQPREPQVYTLPPSQEEMTKNQVSLTCLVKGFYPSDIAVEWESNGQPENNYKT
TPPVLDSDGSFFLYSRLTVDKSRWQEGNVFSCSVMHEALHNHYTQKSLSLSLGK
;
J
#
loop_
_chem_comp.id
_chem_comp.type
_chem_comp.name
_chem_comp.formula
NAG D-saccharide, beta linking 2-acetamido-2-deoxy-beta-D-glucopyranose 'C8 H15 N O6'
#
# COMPACT_ATOMS: atom_id res chain seq x y z
N THR A 333 -37.09 1.14 42.02
CA THR A 333 -36.84 0.22 40.91
C THR A 333 -36.79 0.94 39.58
N ASN A 334 -36.43 2.22 39.61
CA ASN A 334 -36.33 3.02 38.39
C ASN A 334 -35.17 2.51 37.54
N LEU A 335 -35.49 1.80 36.46
CA LEU A 335 -34.46 1.28 35.58
C LEU A 335 -33.72 2.44 34.91
N CYS A 336 -32.44 2.22 34.63
CA CYS A 336 -31.62 3.28 34.08
C CYS A 336 -32.00 3.56 32.63
N PRO A 337 -32.17 4.82 32.25
CA PRO A 337 -32.53 5.13 30.86
C PRO A 337 -31.37 4.94 29.92
N PHE A 338 -30.91 3.70 29.76
CA PHE A 338 -29.86 3.45 28.78
C PHE A 338 -30.35 3.67 27.36
N GLY A 339 -31.68 3.74 27.17
CA GLY A 339 -32.21 3.99 25.85
C GLY A 339 -31.84 5.34 25.29
N GLU A 340 -31.71 6.36 26.14
CA GLU A 340 -31.30 7.67 25.66
C GLU A 340 -29.84 7.68 25.23
N VAL A 341 -29.07 6.66 25.60
CA VAL A 341 -27.66 6.59 25.25
C VAL A 341 -27.47 5.60 24.11
N PHE A 342 -27.81 4.34 24.35
CA PHE A 342 -27.58 3.31 23.34
C PHE A 342 -28.52 3.48 22.15
N ASN A 343 -29.78 3.81 22.40
CA ASN A 343 -30.78 3.91 21.35
C ASN A 343 -30.99 5.35 20.88
N ALA A 344 -30.04 6.24 21.17
CA ALA A 344 -30.15 7.62 20.75
C ALA A 344 -30.14 7.70 19.22
N THR A 345 -31.02 8.56 18.68
CA THR A 345 -31.15 8.68 17.24
C THR A 345 -29.96 9.37 16.60
N ARG A 346 -29.22 10.18 17.35
CA ARG A 346 -28.08 10.91 16.81
C ARG A 346 -26.94 10.85 17.82
N PHE A 347 -25.92 10.05 17.50
CA PHE A 347 -24.72 9.97 18.32
C PHE A 347 -23.84 11.19 18.05
N ALA A 348 -22.70 11.23 18.73
CA ALA A 348 -21.78 12.34 18.61
C ALA A 348 -20.50 11.90 17.92
N SER A 349 -19.81 12.86 17.32
CA SER A 349 -18.52 12.59 16.71
C SER A 349 -17.53 12.17 17.78
N VAL A 350 -16.55 11.37 17.39
CA VAL A 350 -15.63 10.79 18.37
C VAL A 350 -14.81 11.87 19.05
N TYR A 351 -14.45 12.93 18.33
CA TYR A 351 -13.68 14.00 18.96
C TYR A 351 -14.52 14.71 20.02
N ALA A 352 -15.77 15.03 19.71
CA ALA A 352 -16.70 15.62 20.66
C ALA A 352 -17.66 14.55 21.20
N TRP A 353 -17.10 13.56 21.89
CA TRP A 353 -17.91 12.45 22.35
C TRP A 353 -18.82 12.87 23.49
N ASN A 354 -20.08 12.45 23.41
CA ASN A 354 -21.03 12.76 24.48
C ASN A 354 -20.68 11.98 25.74
N ARG A 355 -20.95 12.58 26.89
CA ARG A 355 -20.78 11.90 28.17
C ARG A 355 -22.02 12.14 29.01
N LYS A 356 -22.73 11.05 29.33
CA LYS A 356 -23.95 11.11 30.11
C LYS A 356 -23.71 10.49 31.48
N ARG A 357 -24.07 11.23 32.53
CA ARG A 357 -23.95 10.71 33.89
C ARG A 357 -25.16 9.86 34.25
N ILE A 358 -24.91 8.73 34.88
CA ILE A 358 -25.93 7.79 35.30
C ILE A 358 -25.76 7.58 36.80
N SER A 359 -26.81 7.92 37.56
CA SER A 359 -26.84 7.79 39.00
C SER A 359 -28.29 7.94 39.44
N ASN A 360 -28.53 7.81 40.75
CA ASN A 360 -29.88 7.83 41.31
C ASN A 360 -30.77 6.82 40.60
N CYS A 361 -30.21 5.63 40.35
CA CYS A 361 -30.80 4.72 39.40
C CYS A 361 -30.27 3.31 39.64
N VAL A 362 -30.96 2.34 39.05
CA VAL A 362 -30.52 0.95 39.03
C VAL A 362 -30.39 0.52 37.57
N ALA A 363 -29.27 -0.11 37.25
CA ALA A 363 -28.94 -0.46 35.87
C ALA A 363 -28.68 -1.94 35.76
N ASP A 364 -29.32 -2.59 34.78
CA ASP A 364 -29.13 -4.01 34.51
C ASP A 364 -28.19 -4.14 33.32
N TYR A 365 -26.90 -4.36 33.60
CA TYR A 365 -25.94 -4.54 32.53
C TYR A 365 -26.07 -5.91 31.87
N SER A 366 -26.77 -6.85 32.50
CA SER A 366 -26.93 -8.16 31.89
C SER A 366 -27.81 -8.10 30.65
N VAL A 367 -28.77 -7.17 30.62
CA VAL A 367 -29.59 -7.00 29.42
C VAL A 367 -28.72 -6.53 28.25
N LEU A 368 -27.83 -5.58 28.51
CA LEU A 368 -26.91 -5.12 27.47
C LEU A 368 -25.97 -6.23 27.03
N TYR A 369 -25.39 -6.95 28.00
CA TYR A 369 -24.45 -8.01 27.67
C TYR A 369 -25.12 -9.14 26.93
N ASN A 370 -26.36 -9.48 27.29
CA ASN A 370 -27.10 -10.54 26.61
C ASN A 370 -27.97 -9.99 25.48
N SER A 371 -27.55 -8.88 24.87
CA SER A 371 -28.23 -8.30 23.72
C SER A 371 -27.44 -8.65 22.46
N ALA A 372 -28.16 -9.13 21.43
CA ALA A 372 -27.50 -9.53 20.19
C ALA A 372 -27.12 -8.35 19.30
N SER A 373 -27.63 -7.15 19.59
CA SER A 373 -27.30 -6.01 18.75
C SER A 373 -25.83 -5.63 18.88
N PHE A 374 -25.27 -5.74 20.08
CA PHE A 374 -23.90 -5.34 20.32
C PHE A 374 -22.93 -6.38 19.75
N SER A 375 -22.00 -5.91 18.92
CA SER A 375 -20.98 -6.79 18.37
C SER A 375 -19.75 -6.87 19.26
N THR A 376 -19.51 -5.86 20.09
CA THR A 376 -18.35 -5.79 20.97
C THR A 376 -18.81 -5.40 22.35
N PHE A 377 -18.45 -6.20 23.36
CA PHE A 377 -18.69 -5.85 24.75
C PHE A 377 -17.43 -6.26 25.51
N LYS A 378 -16.47 -5.36 25.59
CA LYS A 378 -15.16 -5.64 26.20
C LYS A 378 -15.11 -4.94 27.55
N CYS A 379 -15.06 -5.69 28.63
CA CYS A 379 -15.03 -5.13 29.96
C CYS A 379 -13.62 -5.24 30.52
N TYR A 380 -13.03 -4.10 30.88
CA TYR A 380 -11.70 -4.02 31.45
C TYR A 380 -11.80 -3.60 32.91
N GLY A 381 -11.00 -4.25 33.76
CA GLY A 381 -11.02 -4.01 35.18
C GLY A 381 -12.16 -4.68 35.93
N VAL A 382 -13.24 -5.03 35.24
CA VAL A 382 -14.35 -5.77 35.81
C VAL A 382 -14.64 -6.97 34.93
N SER A 383 -15.58 -7.80 35.36
CA SER A 383 -16.08 -8.89 34.54
C SER A 383 -17.57 -8.69 34.31
N PRO A 384 -18.05 -8.83 33.08
CA PRO A 384 -19.47 -8.56 32.80
C PRO A 384 -20.42 -9.41 33.59
N THR A 385 -20.05 -10.65 33.93
CA THR A 385 -20.95 -11.51 34.67
C THR A 385 -21.20 -10.99 36.08
N LYS A 386 -20.23 -10.30 36.67
CA LYS A 386 -20.36 -9.77 38.03
C LYS A 386 -20.84 -8.33 38.03
N LEU A 387 -21.11 -7.74 36.87
CA LEU A 387 -21.50 -6.33 36.80
C LEU A 387 -22.73 -6.04 37.66
N ASN A 388 -23.74 -6.91 37.59
CA ASN A 388 -24.92 -6.74 38.42
C ASN A 388 -24.62 -6.91 39.91
N ASP A 389 -23.51 -7.58 40.24
CA ASP A 389 -23.17 -7.78 41.65
C ASP A 389 -22.59 -6.54 42.29
N LEU A 390 -21.85 -5.73 41.53
CA LEU A 390 -21.13 -4.59 42.09
C LEU A 390 -21.96 -3.33 42.05
N CYS A 391 -21.53 -2.35 42.84
CA CYS A 391 -22.12 -1.02 42.86
C CYS A 391 -21.02 0.03 42.76
N PHE A 392 -21.33 1.12 42.06
CA PHE A 392 -20.40 2.22 41.86
C PHE A 392 -21.11 3.53 42.21
N THR A 393 -20.31 4.55 42.51
CA THR A 393 -20.90 5.85 42.82
C THR A 393 -21.66 6.40 41.62
N ASN A 394 -21.08 6.32 40.44
CA ASN A 394 -21.77 6.77 39.24
C ASN A 394 -21.18 6.10 38.01
N VAL A 395 -21.97 6.12 36.93
CA VAL A 395 -21.58 5.58 35.65
C VAL A 395 -21.52 6.72 34.65
N TYR A 396 -20.58 6.64 33.72
CA TYR A 396 -20.48 7.61 32.63
C TYR A 396 -20.60 6.87 31.32
N ALA A 397 -21.63 7.18 30.54
CA ALA A 397 -21.79 6.63 29.21
C ALA A 397 -21.15 7.61 28.22
N ASP A 398 -19.99 7.24 27.70
CA ASP A 398 -19.27 8.05 26.71
C ASP A 398 -19.65 7.50 25.34
N SER A 399 -20.51 8.22 24.64
CA SER A 399 -21.06 7.77 23.38
C SER A 399 -20.42 8.52 22.23
N PHE A 400 -20.00 7.78 21.20
CA PHE A 400 -19.49 8.39 19.99
C PHE A 400 -19.63 7.40 18.85
N VAL A 401 -19.17 7.80 17.66
CA VAL A 401 -19.20 6.97 16.46
C VAL A 401 -17.78 6.93 15.89
N ILE A 402 -17.28 5.71 15.66
CA ILE A 402 -15.96 5.56 15.07
C ILE A 402 -16.05 4.62 13.89
N ARG A 403 -14.91 4.27 13.32
CA ARG A 403 -14.82 3.35 12.21
C ARG A 403 -14.64 1.92 12.76
N GLY A 404 -15.02 0.94 11.94
CA GLY A 404 -14.88 -0.44 12.38
C GLY A 404 -13.46 -0.82 12.70
N ASP A 405 -12.55 -0.62 11.73
CA ASP A 405 -11.13 -0.85 11.95
C ASP A 405 -10.59 -0.08 13.15
N GLU A 406 -11.36 0.85 13.68
CA GLU A 406 -10.94 1.78 14.71
C GLU A 406 -11.49 1.42 16.08
N VAL A 407 -12.40 0.45 16.14
CA VAL A 407 -13.03 0.10 17.41
C VAL A 407 -12.00 -0.46 18.39
N ARG A 408 -11.02 -1.19 17.88
CA ARG A 408 -9.97 -1.72 18.75
C ARG A 408 -9.11 -0.63 19.38
N GLN A 409 -9.38 0.64 19.09
CA GLN A 409 -8.66 1.75 19.68
C GLN A 409 -9.31 2.25 20.96
N ILE A 410 -10.36 1.58 21.43
CA ILE A 410 -11.08 1.99 22.61
C ILE A 410 -10.80 1.00 23.72
N ALA A 411 -9.61 0.43 23.71
CA ALA A 411 -9.14 -0.41 24.80
C ALA A 411 -8.03 0.30 25.56
N PRO A 412 -7.87 0.01 26.86
CA PRO A 412 -6.82 0.69 27.62
C PRO A 412 -5.44 0.31 27.09
N GLY A 413 -4.57 1.33 26.99
CA GLY A 413 -3.23 1.12 26.51
C GLY A 413 -3.07 1.13 25.00
N GLN A 414 -4.17 1.22 24.25
CA GLN A 414 -4.08 1.28 22.81
C GLN A 414 -3.58 2.64 22.35
N THR A 415 -2.98 2.66 21.16
CA THR A 415 -2.44 3.87 20.58
C THR A 415 -2.92 3.97 19.13
N GLY A 416 -2.90 5.18 18.62
CA GLY A 416 -3.31 5.42 17.25
C GLY A 416 -3.83 6.84 17.10
N LYS A 417 -4.88 6.98 16.28
CA LYS A 417 -5.45 8.27 15.98
C LYS A 417 -6.77 8.52 16.69
N ILE A 418 -7.41 7.49 17.22
CA ILE A 418 -8.58 7.65 18.08
C ILE A 418 -8.18 7.62 19.55
N ALA A 419 -7.39 6.62 19.95
CA ALA A 419 -6.98 6.54 21.35
C ALA A 419 -6.09 7.72 21.73
N ASP A 420 -5.04 7.98 20.96
CA ASP A 420 -4.09 9.01 21.33
C ASP A 420 -4.63 10.41 21.08
N TYR A 421 -5.51 10.58 20.10
CA TYR A 421 -5.88 11.90 19.62
C TYR A 421 -7.33 12.26 19.88
N ASN A 422 -8.22 11.29 20.10
CA ASN A 422 -9.65 11.56 20.13
C ASN A 422 -10.31 11.14 21.44
N TYR A 423 -10.03 9.93 21.92
CA TYR A 423 -10.67 9.42 23.12
C TYR A 423 -9.72 8.41 23.75
N LYS A 424 -9.05 8.81 24.83
CA LYS A 424 -8.06 7.98 25.47
C LYS A 424 -8.62 7.36 26.74
N LEU A 425 -8.37 6.06 26.91
CA LEU A 425 -8.75 5.35 28.11
C LEU A 425 -7.52 5.03 28.94
N PRO A 426 -7.55 5.29 30.24
CA PRO A 426 -6.38 4.96 31.07
C PRO A 426 -6.21 3.46 31.17
N ASP A 427 -4.95 3.04 31.34
CA ASP A 427 -4.67 1.62 31.49
C ASP A 427 -5.34 1.06 32.74
N ASP A 428 -5.50 1.88 33.77
CA ASP A 428 -6.24 1.50 34.97
C ASP A 428 -7.73 1.75 34.78
N PHE A 429 -8.27 1.10 33.75
CA PHE A 429 -9.65 1.31 33.35
C PHE A 429 -10.57 0.32 34.06
N THR A 430 -11.61 0.85 34.70
CA THR A 430 -12.64 0.06 35.37
C THR A 430 -13.96 0.38 34.67
N GLY A 431 -14.27 -0.37 33.63
CA GLY A 431 -15.47 -0.12 32.86
C GLY A 431 -15.60 -1.10 31.73
N CYS A 432 -16.43 -0.72 30.75
CA CYS A 432 -16.70 -1.58 29.60
C CYS A 432 -16.84 -0.72 28.35
N VAL A 433 -16.66 -1.36 27.20
CA VAL A 433 -16.78 -0.72 25.89
C VAL A 433 -17.75 -1.54 25.07
N ILE A 434 -18.73 -0.87 24.47
CA ILE A 434 -19.85 -1.53 23.81
C ILE A 434 -19.96 -0.94 22.42
N ALA A 435 -19.60 -1.72 21.40
CA ALA A 435 -19.56 -1.24 20.03
C ALA A 435 -20.51 -2.06 19.17
N TRP A 436 -21.39 -1.39 18.43
CA TRP A 436 -22.27 -2.09 17.51
C TRP A 436 -22.28 -1.38 16.16
N ASN A 437 -22.35 -2.18 15.10
CA ASN A 437 -22.38 -1.64 13.75
C ASN A 437 -23.65 -0.82 13.55
N SER A 438 -23.51 0.32 12.90
CA SER A 438 -24.63 1.22 12.69
C SER A 438 -24.62 1.77 11.26
N ASN A 439 -24.37 0.89 10.30
CA ASN A 439 -24.41 1.30 8.89
C ASN A 439 -25.79 1.81 8.51
N ASN A 440 -26.84 1.10 8.91
CA ASN A 440 -28.19 1.49 8.54
C ASN A 440 -28.68 2.72 9.27
N LEU A 441 -27.93 3.24 10.24
CA LEU A 441 -28.31 4.45 10.96
C LEU A 441 -27.45 5.65 10.62
N ASP A 442 -26.12 5.49 10.54
CA ASP A 442 -25.22 6.63 10.37
C ASP A 442 -24.41 6.56 9.07
N SER A 443 -24.93 5.93 8.04
CA SER A 443 -24.35 6.02 6.71
C SER A 443 -25.28 6.83 5.81
N LYS A 444 -24.72 7.25 4.68
CA LYS A 444 -25.46 8.07 3.73
C LYS A 444 -24.80 7.97 2.38
N VAL A 445 -25.60 7.78 1.32
CA VAL A 445 -25.05 7.72 -0.03
C VAL A 445 -24.40 9.06 -0.34
N GLY A 446 -23.12 9.02 -0.69
CA GLY A 446 -22.33 10.22 -0.86
C GLY A 446 -21.44 10.55 0.33
N GLY A 447 -21.65 9.91 1.48
CA GLY A 447 -20.81 10.13 2.63
C GLY A 447 -21.50 10.88 3.75
N ASN A 448 -21.56 10.27 4.94
CA ASN A 448 -22.10 10.92 6.12
C ASN A 448 -20.99 11.76 6.74
N TYR A 449 -20.81 12.95 6.19
CA TYR A 449 -19.76 13.85 6.63
C TYR A 449 -20.10 14.56 7.93
N ASN A 450 -21.23 14.23 8.56
CA ASN A 450 -21.58 14.82 9.84
C ASN A 450 -20.72 14.28 10.99
N TYR A 451 -19.99 13.19 10.77
CA TYR A 451 -19.12 12.61 11.79
C TYR A 451 -17.67 12.97 11.48
N LEU A 452 -16.95 13.40 12.51
CA LEU A 452 -15.59 13.88 12.35
C LEU A 452 -14.67 13.14 13.32
N TYR A 453 -13.38 13.43 13.15
CA TYR A 453 -12.35 12.83 14.04
C TYR A 453 -11.17 13.81 14.02
N ARG A 454 -10.31 13.77 15.05
CA ARG A 454 -9.21 14.72 15.19
C ARG A 454 -7.92 14.05 14.75
N LEU A 455 -7.44 14.42 13.56
CA LEU A 455 -6.14 13.95 13.10
C LEU A 455 -5.00 14.69 13.77
N PHE A 456 -5.19 15.96 14.11
CA PHE A 456 -4.10 16.86 14.42
C PHE A 456 -4.32 17.51 15.78
N ARG A 457 -3.42 17.24 16.72
CA ARG A 457 -3.29 18.05 17.92
C ARG A 457 -1.87 17.85 18.46
N LYS A 458 -1.45 18.77 19.32
CA LYS A 458 -0.07 18.83 19.76
C LYS A 458 0.35 17.52 20.45
N SER A 459 -0.27 17.21 21.57
CA SER A 459 0.10 16.06 22.37
C SER A 459 -1.02 15.03 22.39
N ASN A 460 -0.67 13.80 22.78
CA ASN A 460 -1.66 12.76 22.94
C ASN A 460 -2.70 13.17 23.97
N LEU A 461 -3.96 12.85 23.67
CA LEU A 461 -5.04 13.23 24.56
C LEU A 461 -4.93 12.52 25.90
N LYS A 462 -5.12 13.28 26.98
CA LYS A 462 -5.12 12.70 28.30
C LYS A 462 -6.32 11.76 28.44
N PRO A 463 -6.19 10.70 29.22
CA PRO A 463 -7.31 9.76 29.39
C PRO A 463 -8.57 10.47 29.86
N PHE A 464 -9.69 10.12 29.22
CA PHE A 464 -11.00 10.69 29.54
C PHE A 464 -11.04 12.20 29.34
N GLU A 465 -10.33 12.68 28.33
CA GLU A 465 -10.36 14.07 27.93
C GLU A 465 -11.03 14.19 26.57
N ARG A 466 -11.72 15.31 26.36
CA ARG A 466 -12.27 15.67 25.06
C ARG A 466 -11.92 17.11 24.75
N ASP A 467 -11.66 17.40 23.48
CA ASP A 467 -11.37 18.75 23.01
C ASP A 467 -12.21 19.05 21.78
N ILE A 468 -13.23 19.90 21.96
CA ILE A 468 -14.10 20.27 20.85
C ILE A 468 -13.56 21.45 20.06
N SER A 469 -12.43 22.02 20.47
CA SER A 469 -11.87 23.19 19.80
C SER A 469 -11.45 22.84 18.38
N THR A 470 -11.84 23.67 17.43
CA THR A 470 -11.43 23.55 16.03
C THR A 470 -10.46 24.70 15.76
N GLU A 471 -9.20 24.48 16.11
CA GLU A 471 -8.15 25.47 15.92
C GLU A 471 -7.14 24.90 14.93
N ILE A 472 -6.79 25.70 13.92
CA ILE A 472 -5.92 25.25 12.85
C ILE A 472 -4.60 24.75 13.44
N TYR A 473 -4.19 23.56 13.03
CA TYR A 473 -3.03 22.89 13.62
C TYR A 473 -1.76 23.39 12.94
N GLN A 474 -1.00 24.20 13.66
CA GLN A 474 0.25 24.74 13.15
C GLN A 474 1.32 23.65 13.27
N ALA A 475 1.57 22.96 12.17
CA ALA A 475 2.58 21.90 12.14
C ALA A 475 3.97 22.40 11.79
N GLY A 476 4.09 23.66 11.37
CA GLY A 476 5.37 24.25 11.03
C GLY A 476 5.74 25.39 11.94
N SER A 477 6.87 26.02 11.62
CA SER A 477 7.34 27.15 12.42
C SER A 477 6.58 28.42 12.14
N THR A 478 6.10 28.61 10.91
CA THR A 478 5.53 29.89 10.50
C THR A 478 4.09 30.01 10.98
N PRO A 479 3.75 31.04 11.76
CA PRO A 479 2.34 31.32 12.06
C PRO A 479 1.65 31.80 10.79
N CYS A 480 0.60 31.08 10.38
CA CYS A 480 -0.07 31.35 9.12
C CYS A 480 -1.46 31.96 9.30
N ASN A 481 -1.74 32.51 10.49
CA ASN A 481 -2.94 33.32 10.74
C ASN A 481 -4.23 32.53 10.47
N GLY A 482 -4.21 31.25 10.80
CA GLY A 482 -5.43 30.44 10.74
C GLY A 482 -6.04 30.28 9.37
N VAL A 483 -5.22 29.99 8.36
CA VAL A 483 -5.69 29.70 7.02
C VAL A 483 -5.27 28.27 6.67
N GLU A 484 -6.23 27.45 6.26
CA GLU A 484 -5.97 26.04 6.01
C GLU A 484 -5.03 25.89 4.82
N GLY A 485 -3.80 25.47 5.10
CA GLY A 485 -2.82 25.26 4.06
C GLY A 485 -1.75 24.30 4.53
N PHE A 486 -0.58 24.40 3.92
CA PHE A 486 0.53 23.55 4.33
C PHE A 486 0.98 23.95 5.73
N ASN A 487 1.18 22.94 6.58
CA ASN A 487 1.51 23.11 8.00
C ASN A 487 0.41 23.84 8.77
N CYS A 488 -0.74 24.06 8.16
CA CYS A 488 -1.92 24.64 8.80
C CYS A 488 -3.15 23.83 8.46
N TYR A 489 -3.06 22.52 8.65
CA TYR A 489 -4.16 21.64 8.32
C TYR A 489 -5.29 21.80 9.33
N PHE A 490 -6.53 21.71 8.85
CA PHE A 490 -7.67 21.74 9.74
C PHE A 490 -7.62 20.53 10.66
N PRO A 491 -7.74 20.69 11.97
CA PRO A 491 -7.49 19.56 12.88
C PRO A 491 -8.47 18.42 12.71
N LEU A 492 -9.68 18.67 12.24
CA LEU A 492 -10.72 17.66 12.16
C LEU A 492 -10.91 17.20 10.72
N GLN A 493 -10.85 15.89 10.52
CA GLN A 493 -11.17 15.27 9.25
C GLN A 493 -12.53 14.58 9.37
N SER A 494 -13.24 14.50 8.25
CA SER A 494 -14.56 13.89 8.25
C SER A 494 -14.45 12.39 8.03
N TYR A 495 -15.45 11.66 8.52
CA TYR A 495 -15.57 10.24 8.27
C TYR A 495 -16.37 10.02 6.99
N GLY A 496 -15.80 9.24 6.07
CA GLY A 496 -16.54 8.86 4.89
C GLY A 496 -17.35 7.60 5.16
N PHE A 497 -18.62 7.78 5.49
CA PHE A 497 -19.48 6.68 5.94
C PHE A 497 -20.49 6.39 4.84
N GLN A 498 -20.11 5.52 3.93
CA GLN A 498 -21.03 5.11 2.87
C GLN A 498 -21.52 3.69 3.12
N PRO A 499 -22.75 3.39 2.75
CA PRO A 499 -23.29 2.03 2.99
C PRO A 499 -22.54 0.94 2.27
N THR A 500 -21.80 1.27 1.21
CA THR A 500 -21.07 0.27 0.43
C THR A 500 -19.67 0.02 0.95
N ASN A 501 -19.24 0.72 2.00
CA ASN A 501 -17.91 0.51 2.54
C ASN A 501 -17.79 -0.87 3.16
N GLY A 502 -16.57 -1.40 3.18
CA GLY A 502 -16.30 -2.62 3.90
C GLY A 502 -16.50 -2.43 5.39
N VAL A 503 -16.70 -3.56 6.09
CA VAL A 503 -17.07 -3.50 7.50
C VAL A 503 -16.05 -2.72 8.31
N GLY A 504 -14.78 -2.79 7.92
CA GLY A 504 -13.77 -2.01 8.61
C GLY A 504 -13.87 -0.52 8.40
N TYR A 505 -14.73 -0.07 7.49
CA TYR A 505 -14.90 1.36 7.23
C TYR A 505 -16.31 1.84 7.56
N GLN A 506 -17.18 0.96 8.09
CA GLN A 506 -18.57 1.22 8.42
C GLN A 506 -18.68 1.88 9.79
N PRO A 507 -19.69 2.72 10.00
CA PRO A 507 -19.78 3.48 11.26
C PRO A 507 -20.25 2.61 12.40
N TYR A 508 -19.37 2.41 13.38
CA TYR A 508 -19.70 1.66 14.58
C TYR A 508 -19.94 2.62 15.73
N ARG A 509 -21.10 2.53 16.35
CA ARG A 509 -21.41 3.34 17.52
C ARG A 509 -20.82 2.68 18.75
N VAL A 510 -20.10 3.46 19.55
CA VAL A 510 -19.40 2.95 20.73
C VAL A 510 -19.88 3.73 21.95
N VAL A 511 -20.31 2.99 22.96
CA VAL A 511 -20.62 3.54 24.28
C VAL A 511 -19.66 2.93 25.27
N VAL A 512 -18.93 3.77 25.98
CA VAL A 512 -17.98 3.36 26.99
C VAL A 512 -18.59 3.65 28.35
N LEU A 513 -18.88 2.61 29.11
CA LEU A 513 -19.33 2.76 30.48
C LEU A 513 -18.11 2.87 31.37
N SER A 514 -17.89 4.05 31.94
CA SER A 514 -16.83 4.29 32.90
C SER A 514 -17.45 4.25 34.29
N PHE A 515 -16.95 3.36 35.14
CA PHE A 515 -17.53 3.13 36.46
C PHE A 515 -16.67 3.80 37.51
N GLU A 516 -17.27 4.68 38.32
CA GLU A 516 -16.54 5.38 39.36
C GLU A 516 -17.17 5.08 40.71
N LEU A 517 -16.35 4.62 41.65
CA LEU A 517 -16.74 4.42 43.03
C LEU A 517 -15.72 5.10 43.93
N LEU A 518 -16.20 5.74 44.99
CA LEU A 518 -15.34 6.50 45.89
C LEU A 518 -16.11 6.71 47.20
N HIS A 519 -15.59 7.62 48.03
CA HIS A 519 -16.17 7.84 49.36
C HIS A 519 -17.64 8.23 49.29
N ALA A 520 -18.08 8.82 48.18
CA ALA A 520 -19.49 9.10 48.01
C ALA A 520 -20.27 7.80 47.92
N PRO A 521 -21.45 7.72 48.54
CA PRO A 521 -22.19 6.46 48.58
C PRO A 521 -22.46 5.91 47.19
N ALA A 522 -22.25 4.60 47.03
CA ALA A 522 -22.53 3.93 45.77
C ALA A 522 -24.01 4.03 45.46
N THR A 523 -24.35 4.78 44.42
CA THR A 523 -25.74 5.14 44.15
C THR A 523 -26.36 4.37 43.00
N VAL A 524 -25.57 3.96 42.01
CA VAL A 524 -26.06 3.18 40.87
C VAL A 524 -25.68 1.72 41.10
N CYS A 525 -26.66 0.92 41.53
CA CYS A 525 -26.49 -0.50 41.77
C CYS A 525 -27.16 -1.30 40.67
N GLY A 526 -26.76 -2.56 40.56
CA GLY A 526 -27.35 -3.46 39.58
C GLY A 526 -28.24 -4.50 40.23
N PRO A 527 -29.47 -4.73 39.69
CA PRO A 527 -30.36 -5.78 40.22
C PRO A 527 -29.59 -7.09 40.46
N GLU B 1 0.34 -12.47 30.30
CA GLU B 1 0.01 -13.78 29.74
C GLU B 1 -1.47 -13.86 29.39
N VAL B 2 -1.77 -14.25 28.15
CA VAL B 2 -3.13 -14.34 27.66
C VAL B 2 -3.29 -15.77 27.15
N GLN B 3 -2.57 -16.69 27.76
CA GLN B 3 -2.52 -18.07 27.30
C GLN B 3 -3.89 -18.73 27.39
N VAL B 4 -4.14 -19.67 26.48
CA VAL B 4 -5.40 -20.41 26.40
C VAL B 4 -5.06 -21.89 26.29
N LEU B 5 -5.14 -22.61 27.40
CA LEU B 5 -4.89 -24.05 27.34
C LEU B 5 -6.11 -24.77 26.79
N GLU B 6 -5.90 -25.97 26.29
CA GLU B 6 -6.98 -26.74 25.71
C GLU B 6 -6.69 -28.23 25.82
N SER B 7 -7.76 -29.01 26.03
CA SER B 7 -7.63 -30.45 26.20
C SER B 7 -8.95 -31.10 25.81
N GLY B 8 -8.99 -32.43 25.91
CA GLY B 8 -10.13 -33.20 25.49
C GLY B 8 -9.99 -33.88 24.15
N GLY B 9 -8.77 -34.13 23.69
CA GLY B 9 -8.54 -34.77 22.41
C GLY B 9 -7.89 -36.13 22.60
N GLY B 10 -8.43 -37.12 21.91
CA GLY B 10 -7.91 -38.46 22.01
C GLY B 10 -8.52 -39.39 20.98
N LEU B 11 -8.20 -40.67 21.12
CA LEU B 11 -8.69 -41.68 20.19
C LEU B 11 -10.19 -41.91 20.42
N VAL B 12 -10.99 -41.69 19.37
CA VAL B 12 -12.42 -41.95 19.38
C VAL B 12 -12.78 -42.70 18.11
N GLN B 13 -14.07 -43.04 17.99
CA GLN B 13 -14.54 -43.79 16.84
C GLN B 13 -15.60 -42.99 16.08
N PRO B 14 -15.74 -43.24 14.78
CA PRO B 14 -16.74 -42.51 14.00
C PRO B 14 -18.16 -42.73 14.54
N GLY B 15 -18.97 -41.68 14.45
CA GLY B 15 -20.32 -41.72 14.94
C GLY B 15 -20.47 -41.55 16.43
N GLY B 16 -19.39 -41.28 17.15
CA GLY B 16 -19.42 -41.11 18.59
C GLY B 16 -19.60 -39.66 19.01
N SER B 17 -19.03 -39.34 20.16
CA SER B 17 -19.09 -37.99 20.70
C SER B 17 -17.78 -37.67 21.41
N LEU B 18 -17.49 -36.38 21.52
CA LEU B 18 -16.26 -35.94 22.14
C LEU B 18 -16.44 -34.52 22.65
N ARG B 19 -16.04 -34.28 23.90
CA ARG B 19 -16.13 -32.95 24.51
C ARG B 19 -14.73 -32.37 24.57
N LEU B 20 -14.51 -31.29 23.82
CA LEU B 20 -13.26 -30.54 23.88
C LEU B 20 -13.45 -29.32 24.76
N SER B 21 -12.54 -29.11 25.70
CA SER B 21 -12.66 -27.99 26.62
C SER B 21 -11.35 -27.20 26.62
N CYS B 22 -11.45 -25.89 26.44
CA CYS B 22 -10.27 -25.04 26.53
C CYS B 22 -10.53 -23.93 27.53
N ALA B 23 -9.57 -23.72 28.41
CA ALA B 23 -9.65 -22.75 29.48
C ALA B 23 -8.72 -21.58 29.19
N ALA B 24 -9.26 -20.37 29.29
CA ALA B 24 -8.54 -19.15 28.98
C ALA B 24 -8.31 -18.35 30.26
N SER B 25 -7.09 -17.86 30.43
CA SER B 25 -6.75 -17.07 31.61
C SER B 25 -5.87 -15.90 31.17
N GLY B 26 -5.87 -14.86 32.00
CA GLY B 26 -5.08 -13.67 31.74
C GLY B 26 -5.85 -12.54 31.11
N PHE B 27 -7.08 -12.77 30.66
CA PHE B 27 -7.92 -11.74 30.07
C PHE B 27 -9.36 -12.01 30.45
N THR B 28 -10.22 -11.03 30.18
CA THR B 28 -11.64 -11.18 30.47
C THR B 28 -12.26 -12.12 29.45
N PHE B 29 -12.25 -13.42 29.76
CA PHE B 29 -12.72 -14.43 28.81
C PHE B 29 -14.17 -14.20 28.42
N SER B 30 -14.95 -13.56 29.29
CA SER B 30 -16.37 -13.36 29.05
C SER B 30 -16.67 -12.13 28.21
N SER B 31 -15.63 -11.45 27.71
CA SER B 31 -15.83 -10.27 26.88
C SER B 31 -15.35 -10.43 25.44
N TYR B 32 -14.51 -11.42 25.16
CA TYR B 32 -13.96 -11.64 23.83
C TYR B 32 -14.65 -12.83 23.18
N ASP B 33 -15.01 -12.67 21.91
CA ASP B 33 -15.48 -13.81 21.14
C ASP B 33 -14.37 -14.84 21.01
N MET B 34 -14.75 -16.10 20.91
CA MET B 34 -13.77 -17.16 20.70
C MET B 34 -14.25 -18.08 19.59
N SER B 35 -13.37 -18.97 19.17
CA SER B 35 -13.76 -19.89 18.10
C SER B 35 -12.93 -21.17 18.19
N TRP B 36 -13.44 -22.22 17.56
CA TRP B 36 -12.72 -23.48 17.38
C TRP B 36 -12.31 -23.60 15.92
N VAL B 37 -11.02 -23.83 15.69
CA VAL B 37 -10.43 -23.99 14.38
C VAL B 37 -9.77 -25.35 14.31
N ARG B 38 -9.77 -25.93 13.11
CA ARG B 38 -9.36 -27.32 12.90
C ARG B 38 -8.33 -27.39 11.79
N GLN B 39 -7.31 -28.23 11.99
CA GLN B 39 -6.26 -28.44 11.00
C GLN B 39 -6.09 -29.94 10.80
N ALA B 40 -6.50 -30.44 9.64
CA ALA B 40 -6.25 -31.83 9.33
C ALA B 40 -4.76 -32.07 9.21
N PRO B 41 -4.27 -33.27 9.58
CA PRO B 41 -2.84 -33.55 9.48
C PRO B 41 -2.34 -33.37 8.06
N GLY B 42 -1.43 -32.40 7.89
CA GLY B 42 -0.93 -32.05 6.57
C GLY B 42 -1.97 -31.42 5.66
N LYS B 43 -2.80 -30.54 6.20
CA LYS B 43 -3.80 -29.84 5.40
C LYS B 43 -4.06 -28.49 6.05
N GLY B 44 -4.60 -27.56 5.25
CA GLY B 44 -4.81 -26.21 5.71
C GLY B 44 -5.85 -26.10 6.81
N LEU B 45 -5.86 -24.94 7.45
CA LEU B 45 -6.77 -24.70 8.57
C LEU B 45 -8.22 -24.66 8.10
N GLU B 46 -9.09 -25.26 8.90
CA GLU B 46 -10.52 -25.29 8.64
C GLU B 46 -11.24 -24.83 9.89
N TRP B 47 -11.96 -23.71 9.80
CA TRP B 47 -12.56 -23.06 10.96
C TRP B 47 -13.82 -23.81 11.35
N VAL B 48 -13.81 -24.47 12.51
CA VAL B 48 -14.94 -25.31 12.91
C VAL B 48 -16.14 -24.45 13.23
N SER B 49 -16.02 -23.62 14.25
CA SER B 49 -17.17 -22.88 14.76
C SER B 49 -16.67 -21.67 15.54
N GLY B 50 -17.61 -20.86 16.02
CA GLY B 50 -17.28 -19.66 16.76
C GLY B 50 -18.43 -19.14 17.60
N ILE B 51 -18.14 -18.71 18.82
CA ILE B 51 -19.16 -18.26 19.76
C ILE B 51 -18.82 -16.85 20.23
N SER B 52 -19.85 -16.04 20.39
CA SER B 52 -19.70 -14.61 20.65
C SER B 52 -19.27 -14.37 22.10
N TYR B 53 -19.20 -13.10 22.49
CA TYR B 53 -18.80 -12.74 23.84
C TYR B 53 -19.82 -13.24 24.86
N SER B 54 -21.10 -13.11 24.53
CA SER B 54 -22.17 -13.51 25.44
C SER B 54 -22.52 -14.98 25.34
N GLY B 55 -22.06 -15.68 24.31
CA GLY B 55 -22.50 -17.02 24.06
C GLY B 55 -23.85 -17.12 23.38
N GLY B 56 -24.46 -16.00 23.05
CA GLY B 56 -25.78 -15.99 22.45
C GLY B 56 -25.79 -16.37 20.98
N SER B 57 -24.88 -15.80 20.22
CA SER B 57 -24.76 -16.08 18.79
C SER B 57 -23.66 -17.10 18.57
N THR B 58 -24.00 -18.17 17.85
CA THR B 58 -23.05 -19.21 17.52
C THR B 58 -23.04 -19.41 16.00
N TYR B 59 -21.84 -19.59 15.46
CA TYR B 59 -21.64 -19.75 14.02
C TYR B 59 -20.92 -21.06 13.79
N TYR B 60 -21.32 -21.79 12.76
CA TYR B 60 -20.72 -23.09 12.46
C TYR B 60 -20.39 -23.17 10.98
N ALA B 61 -19.29 -23.84 10.66
CA ALA B 61 -18.96 -24.12 9.26
C ALA B 61 -19.96 -25.11 8.68
N ASP B 62 -20.35 -24.87 7.43
CA ASP B 62 -21.36 -25.72 6.81
C ASP B 62 -20.89 -27.17 6.65
N SER B 63 -19.57 -27.41 6.68
CA SER B 63 -19.09 -28.78 6.66
C SER B 63 -19.39 -29.49 7.97
N VAL B 64 -19.52 -28.75 9.06
CA VAL B 64 -19.84 -29.30 10.38
C VAL B 64 -21.15 -28.75 10.93
N LYS B 65 -21.96 -28.11 10.09
CA LYS B 65 -23.22 -27.55 10.54
C LYS B 65 -24.18 -28.65 10.98
N GLY B 66 -24.85 -28.43 12.10
CA GLY B 66 -25.90 -29.32 12.55
C GLY B 66 -25.44 -30.49 13.40
N ARG B 67 -24.14 -30.64 13.62
CA ARG B 67 -23.65 -31.75 14.44
C ARG B 67 -22.63 -31.36 15.50
N PHE B 68 -22.07 -30.15 15.46
CA PHE B 68 -21.19 -29.66 16.51
C PHE B 68 -21.88 -28.53 17.26
N THR B 69 -21.80 -28.57 18.59
CA THR B 69 -22.39 -27.55 19.44
C THR B 69 -21.28 -26.82 20.18
N ILE B 70 -21.12 -25.53 19.90
CA ILE B 70 -20.16 -24.71 20.61
C ILE B 70 -20.85 -24.09 21.81
N SER B 71 -20.19 -24.15 22.96
CA SER B 71 -20.78 -23.68 24.21
C SER B 71 -19.70 -22.95 25.01
N ARG B 72 -20.15 -22.16 25.97
CA ARG B 72 -19.26 -21.27 26.71
C ARG B 72 -19.77 -21.11 28.12
N ASP B 73 -18.93 -21.42 29.11
CA ASP B 73 -19.29 -21.21 30.51
C ASP B 73 -18.34 -20.14 31.05
N ASN B 74 -18.87 -18.93 31.24
CA ASN B 74 -18.06 -17.80 31.66
C ASN B 74 -17.69 -17.84 33.14
N SER B 75 -18.46 -18.54 33.96
CA SER B 75 -18.16 -18.60 35.39
C SER B 75 -16.79 -19.23 35.63
N LYS B 76 -16.54 -20.38 35.02
CA LYS B 76 -15.23 -21.00 35.04
C LYS B 76 -14.34 -20.50 33.91
N ASN B 77 -14.84 -19.57 33.10
CA ASN B 77 -14.12 -18.96 31.98
C ASN B 77 -13.60 -19.99 30.97
N THR B 78 -14.32 -21.11 30.84
CA THR B 78 -13.94 -22.15 29.90
C THR B 78 -14.91 -22.22 28.73
N LEU B 79 -14.49 -22.89 27.66
CA LEU B 79 -15.26 -22.93 26.44
C LEU B 79 -15.17 -24.34 25.84
N TYR B 80 -16.31 -24.88 25.42
CA TYR B 80 -16.43 -26.27 25.03
C TYR B 80 -16.91 -26.38 23.58
N LEU B 81 -16.44 -27.44 22.93
CA LEU B 81 -16.98 -27.90 21.66
C LEU B 81 -17.47 -29.33 21.85
N GLN B 82 -18.77 -29.54 21.69
CA GLN B 82 -19.36 -30.87 21.74
C GLN B 82 -19.46 -31.39 20.32
N MET B 83 -18.64 -32.37 19.99
CA MET B 83 -18.66 -33.00 18.68
C MET B 83 -19.53 -34.25 18.77
N ASN B 84 -20.57 -34.30 17.94
CA ASN B 84 -21.52 -35.40 17.95
C ASN B 84 -21.71 -35.92 16.52
N SER B 85 -21.91 -37.24 16.42
CA SER B 85 -22.01 -37.92 15.13
C SER B 85 -20.80 -37.62 14.26
N LEU B 86 -19.63 -37.99 14.77
CA LEU B 86 -18.38 -37.66 14.10
C LEU B 86 -18.23 -38.44 12.80
N ARG B 87 -17.37 -37.93 11.94
CA ARG B 87 -17.04 -38.55 10.67
C ARG B 87 -15.55 -38.84 10.62
N ALA B 88 -15.11 -39.48 9.53
CA ALA B 88 -13.69 -39.78 9.37
C ALA B 88 -12.88 -38.54 9.01
N GLU B 89 -13.53 -37.52 8.43
CA GLU B 89 -12.83 -36.31 8.02
C GLU B 89 -12.49 -35.39 9.19
N ASP B 90 -12.99 -35.67 10.39
CA ASP B 90 -12.78 -34.81 11.53
C ASP B 90 -11.50 -35.12 12.29
N THR B 91 -10.74 -36.11 11.87
CA THR B 91 -9.47 -36.39 12.53
C THR B 91 -8.46 -35.31 12.18
N ALA B 92 -8.05 -34.54 13.19
CA ALA B 92 -7.28 -33.32 12.97
C ALA B 92 -6.71 -32.87 14.31
N VAL B 93 -6.16 -31.65 14.33
CA VAL B 93 -5.76 -30.99 15.55
C VAL B 93 -6.64 -29.76 15.72
N TYR B 94 -7.17 -29.58 16.93
CA TYR B 94 -8.11 -28.51 17.23
C TYR B 94 -7.43 -27.43 18.07
N TYR B 95 -7.74 -26.18 17.75
CA TYR B 95 -7.30 -25.03 18.52
C TYR B 95 -8.52 -24.20 18.86
N CYS B 96 -8.48 -23.49 19.98
CA CYS B 96 -9.47 -22.45 20.24
C CYS B 96 -8.76 -21.11 20.17
N ALA B 97 -9.26 -20.25 19.29
CA ALA B 97 -8.64 -18.97 18.98
C ALA B 97 -9.45 -17.84 19.59
N ARG B 98 -8.77 -16.98 20.34
CA ARG B 98 -9.33 -15.74 20.83
C ARG B 98 -9.58 -14.79 19.67
N ASP B 99 -10.74 -14.14 19.66
CA ASP B 99 -11.10 -13.19 18.63
C ASP B 99 -10.87 -11.79 19.19
N VAL B 100 -9.90 -11.07 18.61
CA VAL B 100 -9.57 -9.73 19.12
C VAL B 100 -10.76 -8.80 18.96
N ASN B 101 -11.40 -8.84 17.79
CA ASN B 101 -12.45 -7.91 17.45
C ASN B 101 -13.76 -8.64 17.23
N PHE B 102 -14.82 -7.86 17.20
CA PHE B 102 -16.15 -8.30 16.82
C PHE B 102 -16.15 -8.94 15.44
N VAL B 103 -17.24 -9.65 15.15
CA VAL B 103 -17.55 -10.03 13.78
C VAL B 103 -18.17 -8.81 13.11
N PRO B 104 -18.02 -8.61 11.80
CA PRO B 104 -17.27 -9.43 10.84
C PRO B 104 -15.75 -9.29 10.92
N LEU B 105 -15.16 -8.22 11.42
CA LEU B 105 -13.70 -8.11 11.40
C LEU B 105 -13.09 -9.03 12.47
N VAL B 106 -13.21 -10.33 12.19
CA VAL B 106 -12.65 -11.35 13.05
C VAL B 106 -11.13 -11.28 13.01
N THR B 107 -10.50 -11.51 14.15
CA THR B 107 -9.04 -11.45 14.25
C THR B 107 -8.60 -12.45 15.32
N PHE B 108 -7.96 -13.53 14.89
CA PHE B 108 -7.55 -14.62 15.78
C PHE B 108 -6.09 -14.39 16.16
N ASP B 109 -5.85 -13.91 17.38
CA ASP B 109 -4.49 -13.63 17.83
C ASP B 109 -3.88 -14.78 18.64
N TYR B 110 -4.52 -15.17 19.73
CA TYR B 110 -3.99 -16.22 20.61
C TYR B 110 -4.68 -17.54 20.30
N TRP B 111 -3.90 -18.59 20.19
CA TRP B 111 -4.36 -19.90 19.79
C TRP B 111 -3.93 -20.93 20.82
N GLY B 112 -4.75 -21.99 20.95
CA GLY B 112 -4.38 -23.08 21.82
C GLY B 112 -3.20 -23.87 21.27
N GLN B 113 -2.61 -24.68 22.14
CA GLN B 113 -1.47 -25.49 21.73
C GLN B 113 -1.87 -26.53 20.70
N GLY B 114 -3.04 -27.14 20.86
CA GLY B 114 -3.50 -28.13 19.90
C GLY B 114 -3.89 -29.45 20.52
N THR B 115 -5.13 -29.88 20.31
CA THR B 115 -5.60 -31.16 20.78
C THR B 115 -5.76 -32.10 19.59
N LEU B 116 -5.07 -33.23 19.64
CA LEU B 116 -5.10 -34.19 18.54
C LEU B 116 -6.32 -35.08 18.67
N VAL B 117 -7.33 -34.84 17.85
CA VAL B 117 -8.54 -35.64 17.83
C VAL B 117 -8.44 -36.61 16.67
N THR B 118 -8.58 -37.91 16.96
CA THR B 118 -8.49 -38.94 15.93
C THR B 118 -9.83 -39.63 15.79
N VAL B 119 -10.34 -39.68 14.56
CA VAL B 119 -11.64 -40.28 14.29
C VAL B 119 -11.76 -40.70 12.83
N GLN B 137 -12.87 -28.54 1.01
CA GLN B 137 -12.74 -27.39 0.12
C GLN B 137 -12.61 -26.10 0.93
N SER B 138 -11.91 -25.11 0.36
CA SER B 138 -11.71 -23.83 0.99
C SER B 138 -12.33 -22.74 0.12
N VAL B 139 -13.06 -21.83 0.75
CA VAL B 139 -13.70 -20.75 0.00
C VAL B 139 -12.66 -19.82 -0.60
N LEU B 140 -11.63 -19.47 0.18
CA LEU B 140 -10.59 -18.57 -0.30
C LEU B 140 -9.57 -19.36 -1.11
N THR B 141 -9.50 -19.07 -2.41
CA THR B 141 -8.63 -19.81 -3.33
C THR B 141 -7.19 -19.28 -3.26
N GLN B 142 -6.63 -19.38 -2.06
CA GLN B 142 -5.23 -19.04 -1.87
C GLN B 142 -4.35 -20.07 -2.58
N PRO B 143 -3.26 -19.64 -3.21
CA PRO B 143 -2.43 -20.57 -3.98
C PRO B 143 -1.90 -21.70 -3.12
N PRO B 144 -1.79 -22.91 -3.68
CA PRO B 144 -1.28 -24.04 -2.89
C PRO B 144 0.11 -23.81 -2.34
N SER B 145 0.98 -23.11 -3.06
CA SER B 145 2.33 -22.87 -2.60
C SER B 145 2.90 -21.66 -3.31
N ALA B 146 3.98 -21.13 -2.75
CA ALA B 146 4.70 -20.01 -3.34
C ALA B 146 6.16 -20.10 -2.93
N SER B 147 7.05 -20.07 -3.91
CA SER B 147 8.49 -20.23 -3.69
C SER B 147 9.16 -18.87 -3.65
N GLY B 148 9.99 -18.65 -2.62
CA GLY B 148 10.71 -17.41 -2.48
C GLY B 148 12.20 -17.66 -2.29
N THR B 149 12.97 -16.58 -2.38
CA THR B 149 14.41 -16.61 -2.18
C THR B 149 14.79 -15.60 -1.11
N PRO B 150 15.91 -15.81 -0.41
CA PRO B 150 16.33 -14.86 0.62
C PRO B 150 16.53 -13.47 0.03
N GLY B 151 16.01 -12.47 0.74
CA GLY B 151 16.10 -11.10 0.29
C GLY B 151 15.14 -10.72 -0.82
N GLN B 152 14.22 -11.61 -1.19
CA GLN B 152 13.27 -11.33 -2.26
C GLN B 152 12.04 -10.62 -1.71
N ARG B 153 11.19 -10.16 -2.62
CA ARG B 153 9.93 -9.50 -2.29
C ARG B 153 8.82 -10.36 -2.87
N VAL B 154 8.25 -11.24 -2.05
CA VAL B 154 7.28 -12.22 -2.50
C VAL B 154 5.88 -11.77 -2.09
N THR B 155 4.96 -11.78 -3.06
CA THR B 155 3.56 -11.41 -2.84
C THR B 155 2.73 -12.67 -2.99
N LEU B 156 2.22 -13.19 -1.88
CA LEU B 156 1.33 -14.34 -1.88
C LEU B 156 -0.09 -13.83 -1.67
N SER B 157 -0.95 -14.08 -2.67
CA SER B 157 -2.20 -13.35 -2.81
C SER B 157 -3.38 -14.25 -2.49
N CYS B 158 -4.17 -13.84 -1.50
CA CYS B 158 -5.45 -14.48 -1.24
C CYS B 158 -6.46 -14.09 -2.32
N THR B 159 -7.57 -14.82 -2.37
CA THR B 159 -8.60 -14.54 -3.36
C THR B 159 -9.95 -14.99 -2.82
N GLY B 160 -10.94 -14.10 -2.91
CA GLY B 160 -12.27 -14.41 -2.44
C GLY B 160 -13.35 -13.66 -3.18
N SER B 161 -14.59 -13.76 -2.71
CA SER B 161 -15.71 -13.07 -3.34
C SER B 161 -15.88 -11.70 -2.69
N SER B 162 -16.95 -11.00 -3.07
CA SER B 162 -17.25 -9.71 -2.46
C SER B 162 -17.71 -9.86 -1.01
N SER B 163 -18.12 -11.07 -0.61
CA SER B 163 -18.50 -11.33 0.76
C SER B 163 -17.33 -11.72 1.64
N ASN B 164 -16.32 -12.36 1.06
CA ASN B 164 -15.17 -12.80 1.84
C ASN B 164 -14.15 -11.69 2.03
N ILE B 165 -13.58 -11.21 0.93
CA ILE B 165 -12.43 -10.31 0.98
C ILE B 165 -12.88 -8.86 0.99
N GLY B 166 -13.87 -8.53 0.16
CA GLY B 166 -14.19 -7.13 -0.07
C GLY B 166 -14.77 -6.41 1.13
N SER B 167 -15.62 -7.08 1.90
CA SER B 167 -16.38 -6.40 2.94
C SER B 167 -15.80 -6.57 4.33
N ASN B 168 -15.03 -7.62 4.59
CA ASN B 168 -14.53 -7.92 5.92
C ASN B 168 -13.01 -7.94 5.93
N SER B 169 -12.44 -7.77 7.12
CA SER B 169 -11.00 -7.69 7.25
C SER B 169 -10.34 -9.02 6.88
N VAL B 170 -9.14 -8.92 6.31
CA VAL B 170 -8.36 -10.08 5.91
C VAL B 170 -7.22 -10.22 6.91
N THR B 171 -7.13 -11.37 7.56
CA THR B 171 -6.11 -11.60 8.57
C THR B 171 -5.20 -12.74 8.13
N TRP B 172 -3.89 -12.54 8.27
CA TRP B 172 -2.90 -13.49 7.78
C TRP B 172 -2.23 -14.19 8.95
N TYR B 173 -2.25 -15.51 8.93
CA TYR B 173 -1.62 -16.33 9.97
C TYR B 173 -0.44 -17.11 9.41
N GLN B 174 0.66 -17.09 10.14
CA GLN B 174 1.88 -17.82 9.81
C GLN B 174 2.00 -18.99 10.76
N GLN B 175 1.80 -20.20 10.26
CA GLN B 175 1.91 -21.41 11.06
C GLN B 175 3.25 -22.07 10.75
N LEU B 176 4.15 -22.04 11.73
CA LEU B 176 5.40 -22.78 11.62
C LEU B 176 5.11 -24.27 11.65
N PRO B 177 5.99 -25.09 11.07
CA PRO B 177 5.73 -26.54 11.04
C PRO B 177 5.65 -27.12 12.45
N GLY B 178 4.47 -27.63 12.79
CA GLY B 178 4.28 -28.28 14.07
C GLY B 178 3.96 -27.37 15.23
N THR B 179 3.47 -26.16 14.97
CA THR B 179 3.11 -25.22 16.03
C THR B 179 1.75 -24.60 15.71
N ALA B 180 1.20 -23.90 16.70
CA ALA B 180 -0.05 -23.20 16.52
C ALA B 180 0.15 -22.00 15.59
N PRO B 181 -0.89 -21.59 14.86
CA PRO B 181 -0.76 -20.44 13.97
C PRO B 181 -0.52 -19.15 14.76
N LYS B 182 0.04 -18.17 14.06
CA LYS B 182 0.38 -16.89 14.65
C LYS B 182 -0.12 -15.77 13.76
N LEU B 183 -0.77 -14.79 14.36
CA LEU B 183 -1.30 -13.66 13.59
C LEU B 183 -0.17 -12.77 13.09
N LEU B 184 -0.24 -12.40 11.81
CA LEU B 184 0.71 -11.49 11.20
C LEU B 184 0.09 -10.17 10.77
N ILE B 185 -1.05 -10.23 10.10
CA ILE B 185 -1.71 -9.06 9.54
C ILE B 185 -3.16 -9.09 9.96
N TYR B 186 -3.68 -7.96 10.43
CA TYR B 186 -5.09 -7.84 10.75
C TYR B 186 -5.63 -6.54 10.20
N ASP B 187 -6.93 -6.53 9.91
CA ASP B 187 -7.62 -5.36 9.36
C ASP B 187 -7.03 -4.96 8.02
N ASP B 188 -6.41 -5.92 7.33
CA ASP B 188 -5.86 -5.83 5.98
C ASP B 188 -4.58 -5.00 5.90
N ASN B 189 -4.23 -4.29 6.96
CA ASN B 189 -3.04 -3.45 6.87
C ASN B 189 -2.09 -3.59 8.05
N GLN B 190 -2.62 -3.73 9.26
CA GLN B 190 -1.82 -3.55 10.47
C GLN B 190 -1.10 -4.84 10.84
N ARG B 191 -0.23 -4.73 11.85
CA ARG B 191 0.52 -5.84 12.40
C ARG B 191 0.43 -5.82 13.92
N PRO B 192 0.45 -6.99 14.55
CA PRO B 192 0.44 -7.03 16.02
C PRO B 192 1.73 -6.50 16.62
N SER B 193 1.78 -6.41 17.94
CA SER B 193 3.00 -6.02 18.66
C SER B 193 3.86 -7.26 18.82
N GLY B 194 4.77 -7.46 17.86
CA GLY B 194 5.61 -8.64 17.86
C GLY B 194 5.84 -9.20 16.48
N VAL B 195 5.22 -8.60 15.47
CA VAL B 195 5.38 -9.01 14.08
C VAL B 195 6.27 -7.97 13.40
N PRO B 196 7.36 -8.39 12.75
CA PRO B 196 8.22 -7.42 12.06
C PRO B 196 7.49 -6.74 10.91
N ASP B 197 7.88 -5.49 10.64
CA ASP B 197 7.23 -4.70 9.61
C ASP B 197 7.47 -5.32 8.23
N ARG B 198 8.46 -6.21 8.11
CA ARG B 198 8.70 -6.99 6.90
C ARG B 198 7.40 -7.43 6.22
N PHE B 199 6.49 -8.04 6.97
CA PHE B 199 5.21 -8.44 6.43
C PHE B 199 4.31 -7.22 6.26
N SER B 200 3.65 -7.14 5.09
CA SER B 200 2.73 -6.05 4.81
C SER B 200 1.45 -6.61 4.21
N GLY B 201 0.31 -6.23 4.78
CA GLY B 201 -0.95 -6.62 4.20
C GLY B 201 -1.32 -5.80 2.99
N SER B 202 -2.26 -6.32 2.20
CA SER B 202 -2.79 -5.57 1.07
C SER B 202 -4.16 -6.15 0.74
N LYS B 203 -5.05 -5.28 0.26
CA LYS B 203 -6.38 -5.72 -0.13
C LYS B 203 -6.90 -4.80 -1.22
N SER B 204 -7.43 -5.37 -2.28
CA SER B 204 -7.97 -4.61 -3.40
C SER B 204 -9.20 -5.34 -3.91
N GLY B 205 -10.35 -4.67 -3.84
CA GLY B 205 -11.58 -5.28 -4.31
C GLY B 205 -11.85 -6.57 -3.57
N THR B 206 -11.98 -7.67 -4.32
CA THR B 206 -12.20 -8.99 -3.76
C THR B 206 -10.95 -9.85 -3.81
N SER B 207 -9.77 -9.25 -3.65
CA SER B 207 -8.52 -10.00 -3.67
C SER B 207 -7.56 -9.39 -2.65
N ALA B 208 -7.14 -10.19 -1.67
CA ALA B 208 -6.19 -9.75 -0.67
C ALA B 208 -4.84 -10.41 -0.94
N SER B 209 -3.81 -9.92 -0.25
CA SER B 209 -2.46 -10.41 -0.48
C SER B 209 -1.59 -10.03 0.71
N LEU B 210 -0.48 -10.75 0.84
CA LEU B 210 0.56 -10.44 1.81
C LEU B 210 1.88 -10.30 1.08
N ALA B 211 2.64 -9.28 1.44
CA ALA B 211 3.93 -8.99 0.83
C ALA B 211 5.01 -9.16 1.88
N ILE B 212 5.94 -10.09 1.62
CA ILE B 212 7.10 -10.29 2.46
C ILE B 212 8.30 -9.73 1.71
N SER B 213 8.85 -8.62 2.24
CA SER B 213 10.01 -7.98 1.65
C SER B 213 11.25 -8.46 2.39
N GLY B 214 12.03 -9.31 1.72
CA GLY B 214 13.15 -9.95 2.38
C GLY B 214 12.69 -11.16 3.15
N LEU B 215 13.38 -12.30 2.97
CA LEU B 215 12.99 -13.55 3.60
C LEU B 215 14.16 -14.12 4.38
N ARG B 216 13.82 -14.88 5.42
CA ARG B 216 14.83 -15.53 6.24
C ARG B 216 14.51 -17.01 6.41
N SER B 217 15.24 -17.69 7.28
CA SER B 217 14.95 -19.10 7.55
C SER B 217 13.70 -19.27 8.41
N GLU B 218 13.27 -18.23 9.10
CA GLU B 218 12.11 -18.30 9.97
C GLU B 218 10.80 -17.94 9.26
N ASP B 219 10.85 -17.61 7.97
CA ASP B 219 9.65 -17.39 7.18
C ASP B 219 9.16 -18.65 6.49
N GLU B 220 9.82 -19.78 6.72
CA GLU B 220 9.37 -21.08 6.22
C GLU B 220 8.17 -21.53 7.04
N ALA B 221 6.97 -21.28 6.53
CA ALA B 221 5.74 -21.60 7.26
C ALA B 221 4.58 -21.58 6.28
N ASP B 222 3.42 -21.99 6.78
CA ASP B 222 2.18 -21.97 6.00
C ASP B 222 1.43 -20.68 6.30
N TYR B 223 1.04 -19.95 5.25
CA TYR B 223 0.40 -18.66 5.40
C TYR B 223 -1.05 -18.76 4.96
N TYR B 224 -1.96 -18.44 5.89
CA TYR B 224 -3.39 -18.57 5.66
C TYR B 224 -4.05 -17.20 5.73
N CYS B 225 -5.01 -16.97 4.84
CA CYS B 225 -5.84 -15.77 4.84
C CYS B 225 -7.21 -16.11 5.37
N GLY B 226 -7.66 -15.37 6.38
CA GLY B 226 -8.96 -15.60 6.98
C GLY B 226 -9.83 -14.37 6.95
N THR B 227 -11.08 -14.56 6.55
CA THR B 227 -12.06 -13.48 6.46
C THR B 227 -13.44 -14.00 6.85
N TRP B 228 -14.20 -13.15 7.53
CA TRP B 228 -15.58 -13.47 7.83
C TRP B 228 -16.43 -13.38 6.57
N ASP B 229 -17.64 -13.92 6.65
CA ASP B 229 -18.62 -13.82 5.58
C ASP B 229 -19.93 -13.31 6.16
N TYR B 230 -20.48 -12.25 5.57
CA TYR B 230 -21.80 -11.81 6.00
C TYR B 230 -22.90 -12.60 5.32
N SER B 231 -22.59 -13.33 4.26
CA SER B 231 -23.55 -14.20 3.58
C SER B 231 -23.43 -15.65 4.03
N LEU B 232 -22.22 -16.21 3.99
CA LEU B 232 -22.01 -17.58 4.46
C LEU B 232 -22.04 -17.67 5.98
N SER B 233 -21.84 -16.56 6.68
CA SER B 233 -21.85 -16.51 8.14
C SER B 233 -20.82 -17.46 8.75
N ALA B 234 -19.62 -17.47 8.16
CA ALA B 234 -18.53 -18.30 8.66
C ALA B 234 -17.22 -17.59 8.38
N TYR B 235 -16.18 -17.98 9.13
CA TYR B 235 -14.85 -17.38 9.01
C TYR B 235 -14.00 -18.30 8.15
N VAL B 236 -14.09 -18.13 6.83
CA VAL B 236 -13.38 -19.00 5.91
C VAL B 236 -11.88 -18.72 5.97
N PHE B 237 -11.08 -19.78 5.93
CA PHE B 237 -9.64 -19.69 5.94
C PHE B 237 -9.09 -19.86 4.52
N GLY B 238 -7.77 -19.69 4.40
CA GLY B 238 -7.09 -19.90 3.14
C GLY B 238 -6.48 -21.28 3.07
N GLY B 239 -6.01 -21.62 1.87
CA GLY B 239 -5.44 -22.93 1.63
C GLY B 239 -3.94 -22.96 1.50
N GLY B 240 -3.25 -23.44 2.53
CA GLY B 240 -1.84 -23.75 2.44
C GLY B 240 -0.91 -22.59 2.16
N THR B 241 -0.37 -22.56 0.93
CA THR B 241 0.68 -21.62 0.52
C THR B 241 1.92 -21.76 1.41
N LYS B 242 2.50 -22.94 1.32
CA LYS B 242 3.73 -23.26 2.05
C LYS B 242 4.87 -22.46 1.44
N LEU B 243 5.24 -21.36 2.09
CA LEU B 243 6.30 -20.51 1.59
C LEU B 243 7.65 -21.19 1.77
N THR B 244 8.39 -21.35 0.68
CA THR B 244 9.68 -22.03 0.70
C THR B 244 10.77 -21.04 0.32
N VAL B 245 11.85 -21.01 1.10
CA VAL B 245 13.01 -20.19 0.81
C VAL B 245 14.04 -21.04 0.08
N LEU B 246 14.53 -20.55 -1.05
CA LEU B 246 15.49 -21.28 -1.85
C LEU B 246 16.92 -20.95 -1.46
N VAL B 264 15.21 26.74 -5.30
CA VAL B 264 15.60 25.55 -6.05
C VAL B 264 16.62 24.74 -5.26
N LEU B 265 16.35 23.44 -5.11
CA LEU B 265 17.26 22.53 -4.46
C LEU B 265 18.39 22.20 -5.44
N THR B 266 19.46 22.98 -5.38
CA THR B 266 20.61 22.75 -6.24
C THR B 266 21.24 21.40 -5.90
N GLN B 267 21.19 20.47 -6.85
CA GLN B 267 21.63 19.11 -6.63
C GLN B 267 22.59 18.70 -7.73
N PRO B 268 23.61 17.89 -7.42
CA PRO B 268 24.55 17.44 -8.44
C PRO B 268 23.84 16.70 -9.56
N PRO B 269 24.29 16.88 -10.80
CA PRO B 269 23.59 16.23 -11.92
C PRO B 269 23.80 14.73 -11.97
N SER B 270 25.00 14.24 -11.65
CA SER B 270 25.28 12.81 -11.71
C SER B 270 26.42 12.50 -10.75
N ALA B 271 26.07 11.95 -9.59
CA ALA B 271 27.06 11.40 -8.68
C ALA B 271 27.25 9.91 -8.98
N SER B 272 28.33 9.34 -8.46
CA SER B 272 28.65 7.96 -8.76
C SER B 272 29.58 7.41 -7.69
N GLY B 273 29.79 6.09 -7.74
CA GLY B 273 30.71 5.44 -6.84
C GLY B 273 30.76 3.95 -7.15
N THR B 274 31.85 3.33 -6.71
CA THR B 274 32.00 1.90 -6.91
C THR B 274 31.06 1.13 -5.99
N PRO B 275 30.65 -0.08 -6.38
CA PRO B 275 29.82 -0.89 -5.49
C PRO B 275 30.53 -1.15 -4.16
N GLY B 276 29.76 -1.07 -3.08
CA GLY B 276 30.29 -1.18 -1.74
C GLY B 276 30.76 0.12 -1.13
N GLN B 277 30.83 1.19 -1.91
CA GLN B 277 31.24 2.49 -1.41
C GLN B 277 30.04 3.20 -0.77
N ARG B 278 30.31 4.31 -0.10
CA ARG B 278 29.27 5.16 0.48
C ARG B 278 29.26 6.48 -0.28
N VAL B 279 28.22 6.69 -1.06
CA VAL B 279 28.08 7.88 -1.90
C VAL B 279 27.22 8.90 -1.16
N THR B 280 27.68 10.15 -1.15
CA THR B 280 26.98 11.26 -0.52
C THR B 280 26.39 12.15 -1.61
N ILE B 281 25.07 12.19 -1.71
CA ILE B 281 24.36 13.06 -2.62
C ILE B 281 23.88 14.26 -1.80
N SER B 282 24.53 15.41 -1.98
CA SER B 282 24.27 16.59 -1.16
C SER B 282 23.61 17.65 -2.02
N CYS B 283 22.36 17.99 -1.69
CA CYS B 283 21.65 19.06 -2.36
C CYS B 283 21.43 20.23 -1.40
N SER B 284 21.25 21.42 -1.98
CA SER B 284 21.12 22.62 -1.18
C SER B 284 20.18 23.59 -1.87
N GLY B 285 19.26 24.18 -1.08
CA GLY B 285 18.35 25.17 -1.60
C GLY B 285 18.51 26.51 -0.91
N SER B 286 17.54 26.86 -0.05
CA SER B 286 17.57 28.10 0.72
C SER B 286 16.96 27.82 2.08
N SER B 287 16.85 28.88 2.89
CA SER B 287 16.15 28.73 4.17
C SER B 287 14.68 28.41 3.95
N SER B 288 14.05 29.08 2.99
CA SER B 288 12.65 28.79 2.68
C SER B 288 12.50 27.43 2.02
N ASN B 289 13.45 27.05 1.16
CA ASN B 289 13.37 25.77 0.47
C ASN B 289 13.52 24.60 1.43
N ILE B 290 14.66 24.53 2.11
CA ILE B 290 15.04 23.33 2.83
C ILE B 290 15.45 23.58 4.28
N GLY B 291 15.95 24.77 4.61
CA GLY B 291 16.41 25.01 5.97
C GLY B 291 15.33 24.88 7.01
N SER B 292 14.13 25.37 6.70
CA SER B 292 13.03 25.39 7.66
C SER B 292 11.94 24.38 7.32
N ASN B 293 12.16 23.50 6.35
CA ASN B 293 11.17 22.50 5.97
C ASN B 293 11.82 21.13 5.86
N ALA B 294 11.01 20.09 6.02
CA ALA B 294 11.50 18.72 6.04
C ALA B 294 11.84 18.28 4.62
N VAL B 295 13.10 17.89 4.41
CA VAL B 295 13.53 17.40 3.11
C VAL B 295 13.13 15.93 2.96
N SER B 296 12.99 15.50 1.71
CA SER B 296 12.71 14.11 1.41
C SER B 296 13.55 13.66 0.24
N TRP B 297 13.90 12.38 0.22
CA TRP B 297 14.74 11.79 -0.81
C TRP B 297 14.00 10.63 -1.46
N TYR B 298 13.91 10.69 -2.79
CA TYR B 298 13.20 9.70 -3.59
C TYR B 298 14.16 9.05 -4.59
N GLN B 299 13.94 7.76 -4.84
CA GLN B 299 14.79 6.96 -5.73
C GLN B 299 13.93 6.50 -6.90
N GLN B 300 14.10 7.13 -8.06
CA GLN B 300 13.38 6.75 -9.27
C GLN B 300 14.28 5.86 -10.12
N LEU B 301 13.98 4.56 -10.12
CA LEU B 301 14.64 3.66 -11.04
C LEU B 301 14.14 3.90 -12.45
N PRO B 302 14.93 3.56 -13.46
CA PRO B 302 14.51 3.83 -14.84
C PRO B 302 13.20 3.13 -15.19
N GLY B 303 12.24 3.92 -15.67
CA GLY B 303 10.96 3.40 -16.10
C GLY B 303 9.98 3.09 -14.99
N THR B 304 10.27 3.47 -13.75
CA THR B 304 9.41 3.19 -12.61
C THR B 304 9.15 4.47 -11.84
N ALA B 305 8.04 4.46 -11.09
CA ALA B 305 7.70 5.60 -10.25
C ALA B 305 8.70 5.73 -9.11
N PRO B 306 8.94 6.96 -8.64
CA PRO B 306 9.92 7.14 -7.56
C PRO B 306 9.45 6.49 -6.26
N LYS B 307 10.43 6.08 -5.47
CA LYS B 307 10.20 5.49 -4.15
C LYS B 307 10.80 6.42 -3.11
N LEU B 308 9.99 6.85 -2.14
CA LEU B 308 10.51 7.67 -1.07
C LEU B 308 11.46 6.86 -0.20
N LEU B 309 12.72 7.26 -0.17
CA LEU B 309 13.71 6.64 0.70
C LEU B 309 13.89 7.37 2.01
N ILE B 310 13.69 8.68 2.03
CA ILE B 310 13.84 9.48 3.25
C ILE B 310 12.66 10.45 3.30
N TYR B 311 11.97 10.51 4.44
CA TYR B 311 10.82 11.39 4.57
C TYR B 311 11.05 12.58 5.49
N ALA B 312 11.78 12.39 6.57
CA ALA B 312 12.14 13.51 7.44
C ALA B 312 13.50 14.05 7.00
N ASP B 313 14.06 14.96 7.79
CA ASP B 313 15.44 15.36 7.54
C ASP B 313 16.40 14.20 7.75
N ASN B 314 16.04 13.27 8.62
CA ASN B 314 16.88 12.13 8.97
C ASN B 314 16.13 10.80 8.85
N LYS B 315 14.85 10.76 9.22
CA LYS B 315 14.14 9.50 9.38
C LYS B 315 13.94 8.81 8.03
N ARG B 316 13.68 7.50 8.10
CA ARG B 316 13.57 6.63 6.94
C ARG B 316 12.33 5.77 7.06
N PRO B 317 11.51 5.68 6.01
CA PRO B 317 10.31 4.86 6.09
C PRO B 317 10.64 3.37 6.14
N SER B 318 9.75 2.61 6.75
CA SER B 318 9.92 1.17 6.80
C SER B 318 9.75 0.56 5.40
N GLY B 319 10.49 -0.50 5.15
CA GLY B 319 10.55 -1.09 3.83
C GLY B 319 11.72 -0.62 2.98
N VAL B 320 12.59 0.22 3.54
CA VAL B 320 13.76 0.72 2.84
C VAL B 320 15.00 0.23 3.56
N PRO B 321 16.05 -0.20 2.84
CA PRO B 321 17.26 -0.67 3.52
C PRO B 321 17.86 0.41 4.42
N ASP B 322 18.43 -0.05 5.55
CA ASP B 322 18.95 0.87 6.55
C ASP B 322 20.14 1.66 6.06
N ARG B 323 20.78 1.25 4.97
CA ARG B 323 21.94 1.97 4.46
C ARG B 323 21.58 3.34 3.91
N PHE B 324 20.34 3.55 3.48
CA PHE B 324 19.91 4.83 2.93
C PHE B 324 19.72 5.82 4.07
N SER B 325 20.80 6.47 4.47
CA SER B 325 20.74 7.44 5.56
C SER B 325 20.50 8.83 5.01
N GLY B 326 19.90 9.68 5.83
CA GLY B 326 19.67 11.06 5.47
C GLY B 326 20.06 11.98 6.61
N SER B 327 20.55 13.16 6.25
CA SER B 327 20.99 14.12 7.26
C SER B 327 20.96 15.52 6.68
N LYS B 328 20.16 16.40 7.26
CA LYS B 328 20.08 17.78 6.81
C LYS B 328 20.83 18.66 7.80
N SER B 329 21.96 19.21 7.35
CA SER B 329 22.73 20.17 8.14
C SER B 329 22.48 21.56 7.55
N GLY B 330 21.84 22.42 8.33
CA GLY B 330 21.52 23.76 7.87
C GLY B 330 20.67 23.77 6.63
N THR B 331 21.27 24.15 5.50
CA THR B 331 20.58 24.23 4.23
C THR B 331 20.95 23.11 3.28
N SER B 332 21.89 22.23 3.67
CA SER B 332 22.37 21.16 2.81
C SER B 332 21.86 19.83 3.34
N ALA B 333 21.13 19.09 2.51
CA ALA B 333 20.66 17.76 2.84
C ALA B 333 21.51 16.73 2.13
N SER B 334 21.99 15.74 2.87
CA SER B 334 22.82 14.67 2.35
C SER B 334 22.07 13.35 2.43
N LEU B 335 21.99 12.67 1.29
CA LEU B 335 21.53 11.29 1.21
C LEU B 335 22.75 10.41 1.05
N ALA B 336 23.01 9.58 2.04
CA ALA B 336 24.16 8.69 2.04
C ALA B 336 23.70 7.29 1.69
N ILE B 337 24.19 6.75 0.58
CA ILE B 337 23.89 5.39 0.16
C ILE B 337 25.16 4.58 0.35
N SER B 338 25.15 3.67 1.31
CA SER B 338 26.30 2.84 1.63
C SER B 338 26.11 1.44 1.08
N GLY B 339 27.16 0.89 0.49
CA GLY B 339 27.09 -0.43 -0.10
C GLY B 339 26.27 -0.46 -1.37
N LEU B 340 26.76 0.20 -2.41
CA LEU B 340 26.06 0.25 -3.68
C LEU B 340 25.97 -1.15 -4.30
N ARG B 341 24.95 -1.34 -5.11
CA ARG B 341 24.71 -2.60 -5.79
C ARG B 341 24.02 -2.31 -7.11
N SER B 342 23.72 -3.38 -7.86
CA SER B 342 23.09 -3.22 -9.16
C SER B 342 21.67 -2.66 -9.05
N GLU B 343 21.06 -2.72 -7.86
CA GLU B 343 19.74 -2.15 -7.63
C GLU B 343 19.78 -0.72 -7.15
N ASP B 344 20.97 -0.17 -6.90
CA ASP B 344 21.12 1.15 -6.31
C ASP B 344 21.25 2.26 -7.35
N GLU B 345 21.30 1.92 -8.64
CA GLU B 345 21.49 2.90 -9.69
C GLU B 345 20.13 3.45 -10.10
N ALA B 346 19.90 4.73 -9.83
CA ALA B 346 18.62 5.38 -10.09
C ALA B 346 18.83 6.87 -9.92
N ASP B 347 17.78 7.63 -10.23
CA ASP B 347 17.81 9.09 -10.06
C ASP B 347 17.32 9.42 -8.66
N TYR B 348 18.18 10.05 -7.87
CA TYR B 348 17.86 10.38 -6.48
C TYR B 348 17.54 11.86 -6.39
N TYR B 349 16.26 12.15 -6.17
CA TYR B 349 15.77 13.53 -6.06
C TYR B 349 15.61 13.91 -4.60
N CYS B 350 15.90 15.17 -4.28
CA CYS B 350 15.57 15.74 -2.98
C CYS B 350 14.50 16.79 -3.17
N GLY B 351 13.48 16.73 -2.34
CA GLY B 351 12.34 17.62 -2.47
C GLY B 351 11.98 18.21 -1.13
N ALA B 352 11.66 19.49 -1.14
CA ALA B 352 11.30 20.19 0.09
C ALA B 352 10.28 21.27 -0.22
N TRP B 353 9.37 21.49 0.73
CA TRP B 353 8.35 22.52 0.56
C TRP B 353 8.97 23.90 0.71
N ASP B 354 8.46 24.87 -0.05
CA ASP B 354 8.93 26.24 0.02
C ASP B 354 7.93 27.07 0.81
N SER B 355 8.42 27.73 1.86
CA SER B 355 7.55 28.61 2.64
C SER B 355 7.25 29.90 1.89
N SER B 356 8.13 30.32 0.99
CA SER B 356 7.98 31.57 0.26
C SER B 356 7.26 31.37 -1.07
N LEU B 357 7.83 30.51 -1.94
CA LEU B 357 7.22 30.28 -3.25
C LEU B 357 5.95 29.44 -3.14
N ASN B 358 5.77 28.71 -2.03
CA ASN B 358 4.63 27.82 -1.82
C ASN B 358 4.57 26.76 -2.92
N ALA B 359 5.60 25.92 -2.93
CA ALA B 359 5.71 24.85 -3.91
C ALA B 359 6.66 23.79 -3.36
N TYR B 360 6.35 22.52 -3.64
CA TYR B 360 7.21 21.42 -3.18
C TYR B 360 8.33 21.26 -4.21
N VAL B 361 9.36 22.09 -4.07
CA VAL B 361 10.40 22.14 -5.08
C VAL B 361 11.30 20.91 -4.94
N PHE B 362 11.52 20.22 -6.05
CA PHE B 362 12.39 19.07 -6.11
C PHE B 362 13.80 19.49 -6.47
N GLY B 363 14.74 18.57 -6.28
CA GLY B 363 16.11 18.80 -6.70
C GLY B 363 16.27 18.62 -8.19
N GLY B 364 17.47 18.93 -8.68
CA GLY B 364 17.74 18.74 -10.09
C GLY B 364 17.66 17.30 -10.52
N GLY B 365 18.07 16.39 -9.64
CA GLY B 365 18.02 14.97 -9.93
C GLY B 365 19.40 14.38 -10.12
N THR B 366 19.91 13.72 -9.08
CA THR B 366 21.23 13.12 -9.14
C THR B 366 21.14 11.74 -9.79
N LYS B 367 21.89 11.55 -10.87
CA LYS B 367 21.92 10.28 -11.60
C LYS B 367 23.04 9.43 -11.02
N LEU B 368 22.68 8.53 -10.10
CA LEU B 368 23.67 7.67 -9.47
C LEU B 368 23.96 6.48 -10.36
N THR B 369 25.23 6.20 -10.59
CA THR B 369 25.67 5.04 -11.36
C THR B 369 26.83 4.37 -10.65
N VAL B 370 26.92 3.06 -10.79
CA VAL B 370 27.95 2.28 -10.10
C VAL B 370 29.16 2.15 -11.02
N LEU B 371 30.35 2.21 -10.41
CA LEU B 371 31.59 2.09 -11.16
C LEU B 371 31.88 0.62 -11.39
N ARG B 372 31.60 0.14 -12.59
CA ARG B 372 31.85 -1.23 -12.99
C ARG B 372 33.14 -1.34 -13.78
N THR B 373 33.73 -2.53 -13.75
CA THR B 373 34.88 -2.80 -14.61
C THR B 373 34.47 -2.65 -16.07
N VAL B 374 35.36 -2.04 -16.86
CA VAL B 374 35.02 -1.74 -18.25
C VAL B 374 34.82 -3.04 -19.01
N ALA B 375 33.68 -3.15 -19.68
CA ALA B 375 33.28 -4.36 -20.38
C ALA B 375 33.64 -4.26 -21.86
N ALA B 376 33.40 -5.37 -22.58
CA ALA B 376 33.70 -5.43 -24.00
C ALA B 376 32.42 -5.24 -24.79
N PRO B 377 32.27 -4.16 -25.56
CA PRO B 377 31.05 -3.97 -26.36
C PRO B 377 30.87 -5.04 -27.42
N SER B 378 29.85 -5.87 -27.27
CA SER B 378 29.47 -6.80 -28.32
C SER B 378 28.81 -6.02 -29.45
N VAL B 379 29.40 -6.08 -30.64
CA VAL B 379 29.01 -5.23 -31.76
C VAL B 379 28.23 -6.06 -32.76
N PHE B 380 27.07 -5.57 -33.17
CA PHE B 380 26.27 -6.21 -34.22
C PHE B 380 25.75 -5.14 -35.17
N ILE B 381 25.31 -5.59 -36.34
CA ILE B 381 24.75 -4.71 -37.36
C ILE B 381 23.72 -5.50 -38.14
N PHE B 382 22.69 -4.79 -38.62
CA PHE B 382 21.61 -5.42 -39.39
C PHE B 382 21.34 -4.64 -40.66
N PRO B 383 21.48 -5.25 -41.83
CA PRO B 383 20.97 -4.62 -43.05
C PRO B 383 19.47 -4.45 -42.96
N PRO B 384 18.93 -3.39 -43.54
CA PRO B 384 17.47 -3.20 -43.50
C PRO B 384 16.74 -4.32 -44.24
N SER B 385 15.59 -4.72 -43.68
CA SER B 385 14.82 -5.79 -44.25
C SER B 385 14.15 -5.36 -45.55
N ASP B 386 13.63 -6.32 -46.30
CA ASP B 386 12.97 -6.00 -47.56
C ASP B 386 11.63 -5.31 -47.35
N GLU B 387 11.00 -5.46 -46.18
CA GLU B 387 9.83 -4.64 -45.90
C GLU B 387 10.18 -3.17 -45.72
N GLN B 388 11.43 -2.86 -45.39
CA GLN B 388 11.88 -1.47 -45.48
C GLN B 388 11.80 -0.97 -46.91
N LEU B 389 12.23 -1.80 -47.88
CA LEU B 389 12.14 -1.42 -49.27
C LEU B 389 10.68 -1.29 -49.70
N LYS B 390 9.82 -2.19 -49.23
CA LYS B 390 8.38 -2.06 -49.50
C LYS B 390 7.76 -0.88 -48.78
N SER B 391 8.44 -0.32 -47.77
CA SER B 391 7.93 0.82 -47.02
C SER B 391 8.47 2.16 -47.51
N GLY B 392 9.59 2.16 -48.24
CA GLY B 392 10.13 3.37 -48.80
C GLY B 392 11.29 3.99 -48.06
N THR B 393 11.73 3.40 -46.95
CA THR B 393 12.87 3.88 -46.18
C THR B 393 13.86 2.74 -45.99
N ALA B 394 14.98 3.04 -45.33
CA ALA B 394 15.94 2.02 -44.97
C ALA B 394 16.59 2.44 -43.66
N SER B 395 16.24 1.75 -42.57
CA SER B 395 16.78 2.03 -41.25
C SER B 395 17.78 0.93 -40.91
N VAL B 396 19.06 1.21 -41.09
CA VAL B 396 20.12 0.26 -40.78
C VAL B 396 20.59 0.50 -39.35
N VAL B 397 20.67 -0.57 -38.56
CA VAL B 397 20.92 -0.47 -37.13
C VAL B 397 22.26 -1.11 -36.79
N CYS B 398 23.00 -0.45 -35.89
CA CYS B 398 24.22 -0.97 -35.30
C CYS B 398 24.07 -0.96 -33.79
N LEU B 399 24.53 -2.01 -33.13
CA LEU B 399 24.31 -2.20 -31.70
C LEU B 399 25.60 -2.51 -30.98
N LEU B 400 25.75 -1.91 -29.79
CA LEU B 400 26.85 -2.17 -28.87
C LEU B 400 26.22 -2.61 -27.56
N ASN B 401 26.32 -3.90 -27.23
CA ASN B 401 25.70 -4.45 -26.04
C ASN B 401 26.74 -4.74 -24.98
N ASN B 402 26.35 -4.59 -23.71
CA ASN B 402 27.18 -4.98 -22.57
C ASN B 402 28.53 -4.26 -22.60
N PHE B 403 28.47 -2.94 -22.49
CA PHE B 403 29.66 -2.10 -22.48
C PHE B 403 29.57 -1.07 -21.36
N TYR B 404 30.74 -0.73 -20.81
CA TYR B 404 30.89 0.27 -19.77
C TYR B 404 32.11 1.11 -20.12
N PRO B 405 32.08 2.42 -19.85
CA PRO B 405 31.01 3.21 -19.25
C PRO B 405 30.02 3.77 -20.27
N ARG B 406 29.27 4.80 -19.86
CA ARG B 406 28.26 5.41 -20.73
C ARG B 406 28.88 6.04 -21.96
N GLU B 407 30.13 6.50 -21.86
CA GLU B 407 30.76 7.22 -22.96
C GLU B 407 31.22 6.23 -24.03
N ALA B 408 30.64 6.37 -25.23
CA ALA B 408 30.98 5.55 -26.38
C ALA B 408 30.48 6.24 -27.63
N LYS B 409 31.17 6.04 -28.74
CA LYS B 409 30.78 6.69 -29.98
C LYS B 409 30.64 5.66 -31.11
N VAL B 410 29.73 5.94 -32.02
CA VAL B 410 29.50 5.09 -33.19
C VAL B 410 29.54 6.00 -34.42
N GLN B 411 30.43 5.69 -35.35
CA GLN B 411 30.57 6.45 -36.59
C GLN B 411 30.24 5.53 -37.76
N TRP B 412 29.28 5.95 -38.57
CA TRP B 412 28.81 5.13 -39.71
C TRP B 412 29.78 5.33 -40.87
N LYS B 413 30.76 4.43 -40.96
CA LYS B 413 31.71 4.45 -42.07
C LYS B 413 31.10 3.69 -43.24
N VAL B 414 30.47 4.42 -44.15
CA VAL B 414 29.88 3.84 -45.35
C VAL B 414 30.95 3.88 -46.44
N ASP B 415 31.80 2.84 -46.45
CA ASP B 415 32.92 2.72 -47.37
C ASP B 415 33.83 3.94 -47.28
N ASN B 416 34.45 4.11 -46.10
CA ASN B 416 35.36 5.21 -45.82
C ASN B 416 34.68 6.57 -45.99
N ALA B 417 33.40 6.65 -45.65
CA ALA B 417 32.66 7.90 -45.67
C ALA B 417 31.84 8.00 -44.38
N LEU B 418 31.80 9.20 -43.81
CA LEU B 418 31.14 9.41 -42.53
C LEU B 418 29.75 10.01 -42.74
N GLN B 419 28.80 9.60 -41.90
CA GLN B 419 27.45 10.14 -41.96
C GLN B 419 27.46 11.60 -41.53
N SER B 420 26.56 12.37 -42.14
CA SER B 420 26.46 13.81 -41.88
C SER B 420 25.12 14.11 -41.21
N GLY B 421 25.08 13.93 -39.89
CA GLY B 421 23.92 14.34 -39.11
C GLY B 421 22.60 13.70 -39.50
N ASN B 422 22.61 12.39 -39.74
CA ASN B 422 21.37 11.71 -40.09
C ASN B 422 21.12 10.52 -39.16
N SER B 423 22.19 9.94 -38.63
CA SER B 423 22.06 8.82 -37.72
C SER B 423 21.71 9.29 -36.32
N GLN B 424 20.81 8.56 -35.66
CA GLN B 424 20.36 8.90 -34.31
C GLN B 424 20.53 7.70 -33.40
N GLU B 425 20.95 7.94 -32.17
CA GLU B 425 21.24 6.85 -31.24
C GLU B 425 20.83 7.24 -29.83
N SER B 426 20.40 6.24 -29.07
CA SER B 426 20.10 6.39 -27.65
C SER B 426 20.62 5.17 -26.91
N VAL B 427 21.24 5.40 -25.76
CA VAL B 427 21.83 4.34 -24.96
C VAL B 427 20.82 3.90 -23.90
N THR B 428 20.94 2.64 -23.49
CA THR B 428 20.10 2.14 -22.41
C THR B 428 20.58 2.69 -21.08
N GLU B 429 19.75 2.52 -20.07
CA GLU B 429 20.19 2.76 -18.71
C GLU B 429 21.08 1.61 -18.25
N GLN B 430 21.75 1.81 -17.12
CA GLN B 430 22.61 0.75 -16.59
C GLN B 430 21.77 -0.48 -16.27
N ASP B 431 22.27 -1.65 -16.65
CA ASP B 431 21.48 -2.88 -16.57
C ASP B 431 21.13 -3.19 -15.12
N SER B 432 19.90 -3.65 -14.91
CA SER B 432 19.41 -3.90 -13.55
C SER B 432 20.24 -4.97 -12.84
N LYS B 433 20.79 -5.92 -13.59
CA LYS B 433 21.61 -6.98 -13.02
C LYS B 433 23.05 -6.93 -13.49
N ASP B 434 23.29 -6.82 -14.79
CA ASP B 434 24.64 -6.80 -15.32
C ASP B 434 25.34 -5.47 -15.09
N SER B 435 24.58 -4.41 -14.80
CA SER B 435 25.13 -3.08 -14.55
C SER B 435 26.00 -2.59 -15.71
N THR B 436 25.50 -2.78 -16.93
CA THR B 436 26.20 -2.37 -18.13
C THR B 436 25.23 -1.67 -19.08
N TYR B 437 25.78 -1.16 -20.17
CA TYR B 437 25.04 -0.32 -21.10
C TYR B 437 24.82 -1.03 -22.43
N SER B 438 23.77 -0.59 -23.12
CA SER B 438 23.49 -1.05 -24.48
C SER B 438 23.09 0.17 -25.32
N LEU B 439 23.73 0.31 -26.47
CA LEU B 439 23.50 1.45 -27.35
C LEU B 439 23.10 0.94 -28.73
N SER B 440 22.21 1.68 -29.39
CA SER B 440 21.81 1.35 -30.75
C SER B 440 21.79 2.62 -31.57
N SER B 441 22.51 2.62 -32.68
CA SER B 441 22.53 3.73 -33.62
C SER B 441 21.76 3.32 -34.88
N THR B 442 20.78 4.12 -35.25
CA THR B 442 19.95 3.86 -36.42
C THR B 442 20.22 4.94 -37.46
N LEU B 443 20.53 4.50 -38.67
CA LEU B 443 20.75 5.38 -39.82
C LEU B 443 19.56 5.20 -40.75
N THR B 444 18.76 6.24 -40.89
CA THR B 444 17.49 6.20 -41.64
C THR B 444 17.69 6.94 -42.95
N LEU B 445 17.99 6.19 -44.01
CA LEU B 445 18.26 6.74 -45.32
C LEU B 445 17.16 6.37 -46.31
N SER B 446 17.21 7.02 -47.47
CA SER B 446 16.14 6.91 -48.45
C SER B 446 16.15 5.53 -49.11
N LYS B 447 15.01 5.17 -49.69
CA LYS B 447 14.89 3.88 -50.37
C LYS B 447 15.87 3.78 -51.53
N ALA B 448 15.97 4.84 -52.34
CA ALA B 448 16.94 4.83 -53.44
C ALA B 448 18.37 4.97 -52.95
N ASP B 449 18.56 5.46 -51.71
CA ASP B 449 19.89 5.62 -51.17
C ASP B 449 20.52 4.28 -50.76
N TYR B 450 19.70 3.26 -50.55
CA TYR B 450 20.23 1.98 -50.10
C TYR B 450 20.96 1.24 -51.22
N GLU B 451 20.43 1.28 -52.44
CA GLU B 451 21.05 0.58 -53.55
C GLU B 451 22.08 1.42 -54.31
N LYS B 452 22.07 2.74 -54.15
CA LYS B 452 23.10 3.55 -54.79
C LYS B 452 24.48 3.29 -54.19
N HIS B 453 24.53 2.69 -53.00
CA HIS B 453 25.78 2.28 -52.37
C HIS B 453 25.76 0.77 -52.15
N LYS B 454 26.93 0.20 -51.91
CA LYS B 454 27.09 -1.24 -51.83
C LYS B 454 27.31 -1.75 -50.41
N VAL B 455 28.18 -1.11 -49.64
CA VAL B 455 28.58 -1.60 -48.33
C VAL B 455 28.31 -0.53 -47.28
N TYR B 456 27.75 -0.95 -46.15
CA TYR B 456 27.53 -0.08 -45.00
C TYR B 456 28.14 -0.73 -43.77
N ALA B 457 28.78 0.08 -42.94
CA ALA B 457 29.46 -0.44 -41.76
C ALA B 457 29.46 0.63 -40.67
N CYS B 458 29.63 0.17 -39.43
CA CYS B 458 29.64 1.04 -38.25
C CYS B 458 30.91 0.77 -37.45
N GLU B 459 31.68 1.82 -37.21
CA GLU B 459 32.89 1.74 -36.39
C GLU B 459 32.58 2.24 -34.98
N VAL B 460 33.14 1.56 -33.99
CA VAL B 460 32.85 1.80 -32.59
C VAL B 460 34.10 2.34 -31.91
N THR B 461 33.92 3.35 -31.05
CA THR B 461 34.99 3.90 -30.24
C THR B 461 34.58 3.75 -28.78
N HIS B 462 35.33 2.91 -28.05
CA HIS B 462 35.10 2.63 -26.65
C HIS B 462 36.43 2.26 -25.99
N GLN B 463 36.47 2.41 -24.67
CA GLN B 463 37.67 2.07 -23.92
C GLN B 463 37.89 0.56 -23.84
N GLY B 464 36.81 -0.22 -23.83
CA GLY B 464 36.94 -1.66 -23.70
C GLY B 464 37.49 -2.35 -24.92
N LEU B 465 37.42 -1.70 -26.08
CA LEU B 465 37.92 -2.26 -27.34
C LEU B 465 38.78 -1.20 -28.02
N SER B 466 40.08 -1.22 -27.73
CA SER B 466 41.00 -0.30 -28.40
C SER B 466 41.02 -0.55 -29.90
N SER B 467 41.05 -1.82 -30.31
CA SER B 467 40.94 -2.16 -31.72
C SER B 467 39.48 -2.10 -32.13
N PRO B 468 39.11 -1.27 -33.11
CA PRO B 468 37.70 -1.18 -33.50
C PRO B 468 37.19 -2.50 -34.06
N VAL B 469 35.93 -2.80 -33.75
CA VAL B 469 35.27 -4.02 -34.22
C VAL B 469 34.07 -3.60 -35.06
N THR B 470 33.94 -4.19 -36.24
CA THR B 470 32.89 -3.81 -37.18
C THR B 470 32.59 -4.97 -38.11
N LYS B 471 31.30 -5.25 -38.30
CA LYS B 471 30.84 -6.26 -39.25
C LYS B 471 30.37 -5.52 -40.50
N SER B 472 31.11 -5.70 -41.61
CA SER B 472 30.83 -4.98 -42.85
C SER B 472 29.89 -5.82 -43.71
N PHE B 473 28.59 -5.61 -43.53
CA PHE B 473 27.62 -6.27 -44.38
C PHE B 473 27.59 -5.63 -45.77
N ASN B 474 27.16 -6.41 -46.75
CA ASN B 474 27.09 -5.98 -48.13
C ASN B 474 25.64 -6.01 -48.61
N ARG B 475 25.40 -5.30 -49.72
CA ARG B 475 24.07 -5.25 -50.32
C ARG B 475 23.64 -6.64 -50.81
N VAL C 2 -1.59 -0.38 -0.47
CA VAL C 2 -1.65 1.00 -0.93
C VAL C 2 -1.30 1.10 -2.41
N GLN C 3 -2.22 1.65 -3.21
CA GLN C 3 -2.01 1.78 -4.64
C GLN C 3 -2.80 2.98 -5.17
N LEU C 4 -2.14 3.75 -6.03
CA LEU C 4 -2.75 4.90 -6.69
C LEU C 4 -2.68 4.65 -8.19
N LEU C 5 -3.84 4.64 -8.84
CA LEU C 5 -3.92 4.37 -10.27
C LEU C 5 -4.40 5.61 -11.00
N GLU C 6 -3.61 6.08 -11.96
CA GLU C 6 -3.95 7.25 -12.75
C GLU C 6 -4.62 6.84 -14.05
N SER C 7 -5.52 7.69 -14.52
CA SER C 7 -6.20 7.49 -15.79
C SER C 7 -6.45 8.85 -16.43
N GLY C 8 -6.45 8.86 -17.76
CA GLY C 8 -6.64 10.09 -18.51
C GLY C 8 -5.43 10.57 -19.28
N GLY C 9 -4.35 9.80 -19.33
CA GLY C 9 -3.19 10.19 -20.09
C GLY C 9 -3.26 9.76 -21.54
N GLY C 10 -3.15 10.71 -22.46
CA GLY C 10 -3.26 10.38 -23.86
C GLY C 10 -3.00 11.58 -24.73
N LEU C 11 -3.51 11.50 -25.97
CA LEU C 11 -3.30 12.56 -26.94
C LEU C 11 -4.06 13.81 -26.55
N VAL C 12 -3.38 14.95 -26.57
CA VAL C 12 -3.99 16.23 -26.24
C VAL C 12 -3.60 17.25 -27.30
N GLN C 13 -4.61 17.90 -27.88
CA GLN C 13 -4.34 19.01 -28.78
C GLN C 13 -3.80 20.19 -27.98
N PRO C 14 -2.87 20.96 -28.52
CA PRO C 14 -2.36 22.14 -27.79
C PRO C 14 -3.48 23.10 -27.44
N GLY C 15 -3.45 23.59 -26.21
CA GLY C 15 -4.53 24.41 -25.71
C GLY C 15 -5.78 23.63 -25.35
N GLY C 16 -5.70 22.30 -25.29
CA GLY C 16 -6.85 21.47 -25.02
C GLY C 16 -7.15 21.37 -23.53
N SER C 17 -8.12 20.52 -23.22
CA SER C 17 -8.59 20.34 -21.85
C SER C 17 -8.82 18.86 -21.59
N LEU C 18 -8.40 18.39 -20.42
CA LEU C 18 -8.68 17.02 -20.01
C LEU C 18 -8.49 16.88 -18.51
N ARG C 19 -8.69 15.65 -18.03
CA ARG C 19 -8.95 15.36 -16.62
C ARG C 19 -8.20 14.10 -16.23
N LEU C 20 -7.21 14.23 -15.37
CA LEU C 20 -6.55 13.07 -14.79
C LEU C 20 -7.30 12.64 -13.53
N SER C 21 -7.65 11.35 -13.47
CA SER C 21 -8.35 10.78 -12.33
C SER C 21 -7.43 9.77 -11.65
N CYS C 22 -7.23 9.93 -10.35
CA CYS C 22 -6.33 9.10 -9.58
C CYS C 22 -7.13 8.37 -8.51
N ALA C 23 -7.39 7.09 -8.75
CA ALA C 23 -8.10 6.27 -7.78
C ALA C 23 -7.09 5.76 -6.75
N ALA C 24 -7.33 6.10 -5.48
CA ALA C 24 -6.42 5.75 -4.40
C ALA C 24 -7.08 4.72 -3.49
N SER C 25 -6.40 3.60 -3.26
CA SER C 25 -6.93 2.52 -2.44
C SER C 25 -5.85 2.04 -1.49
N GLY C 26 -6.26 1.44 -0.38
CA GLY C 26 -5.34 0.90 0.59
C GLY C 26 -5.03 1.81 1.76
N PHE C 27 -5.59 3.01 1.79
CA PHE C 27 -5.36 3.93 2.90
C PHE C 27 -6.57 4.85 3.04
N THR C 28 -6.71 5.43 4.22
CA THR C 28 -7.81 6.36 4.49
C THR C 28 -7.53 7.64 3.72
N PHE C 29 -8.22 7.80 2.59
CA PHE C 29 -7.87 8.85 1.63
C PHE C 29 -7.98 10.25 2.23
N SER C 30 -8.90 10.45 3.18
CA SER C 30 -9.13 11.79 3.70
C SER C 30 -8.02 12.27 4.61
N ASP C 31 -7.22 11.36 5.18
CA ASP C 31 -6.23 11.74 6.18
C ASP C 31 -4.93 12.25 5.58
N TYR C 32 -4.62 11.90 4.33
CA TYR C 32 -3.36 12.25 3.71
C TYR C 32 -3.58 13.27 2.62
N ALA C 33 -2.67 14.25 2.54
CA ALA C 33 -2.71 15.19 1.43
C ALA C 33 -2.36 14.46 0.13
N MET C 34 -2.74 15.06 -0.98
CA MET C 34 -2.48 14.48 -2.28
C MET C 34 -1.75 15.49 -3.14
N SER C 35 -1.03 15.00 -4.14
CA SER C 35 -0.28 15.89 -5.00
C SER C 35 -0.11 15.25 -6.37
N TRP C 36 0.13 16.11 -7.35
CA TRP C 36 0.48 15.70 -8.70
C TRP C 36 1.90 16.18 -8.98
N VAL C 37 2.69 15.29 -9.58
CA VAL C 37 4.09 15.56 -9.90
C VAL C 37 4.32 15.28 -11.38
N ARG C 38 4.93 16.23 -12.07
CA ARG C 38 5.23 16.09 -13.49
C ARG C 38 6.65 15.56 -13.68
N GLN C 39 6.84 14.85 -14.79
CA GLN C 39 8.16 14.39 -15.19
C GLN C 39 8.22 14.42 -16.72
N ALA C 40 8.88 15.43 -17.27
CA ALA C 40 9.05 15.47 -18.72
C ALA C 40 9.89 14.27 -19.17
N PRO C 41 9.62 13.72 -20.35
CA PRO C 41 10.31 12.50 -20.78
C PRO C 41 11.82 12.68 -20.79
N GLY C 42 12.50 11.88 -19.97
CA GLY C 42 13.94 12.02 -19.81
C GLY C 42 14.35 13.29 -19.11
N LYS C 43 13.59 13.72 -18.10
CA LYS C 43 13.91 14.92 -17.34
C LYS C 43 13.52 14.70 -15.89
N GLY C 44 13.73 15.72 -15.06
CA GLY C 44 13.54 15.61 -13.64
C GLY C 44 12.09 15.75 -13.21
N LEU C 45 11.87 15.55 -11.91
CA LEU C 45 10.56 15.67 -11.32
C LEU C 45 10.20 17.15 -11.16
N GLU C 46 9.11 17.57 -11.78
CA GLU C 46 8.61 18.94 -11.64
C GLU C 46 7.28 18.86 -10.92
N TRP C 47 7.25 19.36 -9.69
CA TRP C 47 6.02 19.33 -8.89
C TRP C 47 4.91 20.08 -9.61
N VAL C 48 3.72 19.48 -9.64
CA VAL C 48 2.58 20.11 -10.30
C VAL C 48 1.73 20.84 -9.28
N SER C 49 1.14 20.11 -8.34
CA SER C 49 0.20 20.74 -7.43
C SER C 49 0.00 19.87 -6.19
N TRP C 50 -0.68 20.43 -5.19
CA TRP C 50 -0.85 19.81 -3.89
C TRP C 50 -2.16 20.29 -3.28
N ILE C 51 -2.84 19.38 -2.58
CA ILE C 51 -4.13 19.69 -1.96
C ILE C 51 -4.27 18.84 -0.72
N TYR C 52 -5.01 19.36 0.27
CA TYR C 52 -5.46 18.56 1.40
C TYR C 52 -6.97 18.57 1.55
N SER C 53 -7.59 19.74 1.48
CA SER C 53 -9.04 19.86 1.56
C SER C 53 -9.53 20.76 0.44
N GLY C 54 -10.72 20.45 -0.07
CA GLY C 54 -11.30 21.26 -1.12
C GLY C 54 -11.54 22.69 -0.71
N SER C 55 -12.04 22.89 0.52
CA SER C 55 -12.29 24.23 1.03
C SER C 55 -11.03 24.94 1.49
N GLY C 56 -9.91 24.24 1.61
CA GLY C 56 -8.67 24.83 2.03
C GLY C 56 -7.93 25.49 0.86
N ASN C 57 -6.66 25.77 1.10
CA ASN C 57 -5.80 26.40 0.10
C ASN C 57 -5.18 25.33 -0.79
N LYS C 58 -5.34 25.50 -2.11
CA LYS C 58 -4.69 24.65 -3.08
C LYS C 58 -3.42 25.32 -3.58
N TYR C 59 -2.34 24.54 -3.65
CA TYR C 59 -1.04 25.05 -4.03
C TYR C 59 -0.68 24.54 -5.42
N TYR C 60 -0.14 25.42 -6.25
CA TYR C 60 0.17 25.10 -7.64
C TYR C 60 1.57 25.59 -7.97
N ALA C 61 2.19 24.94 -8.94
CA ALA C 61 3.50 25.39 -9.40
C ALA C 61 3.38 26.75 -10.07
N ASP C 62 4.49 27.51 -10.03
CA ASP C 62 4.48 28.86 -10.59
C ASP C 62 4.18 28.86 -12.07
N SER C 63 4.51 27.78 -12.77
CA SER C 63 4.30 27.70 -14.22
C SER C 63 2.91 27.20 -14.60
N VAL C 64 2.10 26.76 -13.63
CA VAL C 64 0.81 26.16 -13.94
C VAL C 64 -0.31 26.89 -13.22
N LYS C 65 0.02 28.00 -12.55
CA LYS C 65 -0.99 28.76 -11.84
C LYS C 65 -2.03 29.31 -12.80
N GLY C 66 -3.28 28.88 -12.62
CA GLY C 66 -4.38 29.36 -13.42
C GLY C 66 -4.89 28.36 -14.43
N ARG C 67 -3.97 27.64 -15.08
CA ARG C 67 -4.36 26.68 -16.10
C ARG C 67 -4.58 25.26 -15.55
N PHE C 68 -4.26 25.03 -14.29
CA PHE C 68 -4.48 23.73 -13.66
C PHE C 68 -5.47 23.89 -12.51
N THR C 69 -6.21 22.81 -12.23
CA THR C 69 -7.15 22.80 -11.12
C THR C 69 -7.15 21.41 -10.50
N ILE C 70 -6.74 21.33 -9.24
CA ILE C 70 -6.75 20.06 -8.51
C ILE C 70 -7.97 20.02 -7.61
N SER C 71 -8.47 18.81 -7.36
CA SER C 71 -9.64 18.61 -6.52
C SER C 71 -9.61 17.20 -5.96
N ARG C 72 -10.39 16.98 -4.92
CA ARG C 72 -10.53 15.67 -4.31
C ARG C 72 -11.97 15.17 -4.40
N ASP C 73 -12.12 13.87 -4.18
CA ASP C 73 -13.44 13.26 -3.96
C ASP C 73 -13.20 12.11 -2.98
N ASN C 74 -13.37 12.42 -1.68
CA ASN C 74 -13.11 11.43 -0.65
C ASN C 74 -14.16 10.33 -0.65
N SER C 75 -15.37 10.63 -1.14
CA SER C 75 -16.37 9.59 -1.28
C SER C 75 -15.94 8.53 -2.28
N LYS C 76 -15.35 8.95 -3.40
CA LYS C 76 -14.83 8.04 -4.41
C LYS C 76 -13.37 7.70 -4.20
N ASN C 77 -12.71 8.31 -3.20
CA ASN C 77 -11.28 8.12 -2.95
C ASN C 77 -10.46 8.44 -4.20
N THR C 78 -10.82 9.52 -4.88
CA THR C 78 -10.16 9.90 -6.12
C THR C 78 -9.59 11.32 -6.02
N LEU C 79 -8.53 11.56 -6.77
CA LEU C 79 -7.90 12.87 -6.90
C LEU C 79 -7.98 13.28 -8.36
N TYR C 80 -8.58 14.44 -8.63
CA TYR C 80 -8.83 14.90 -9.98
C TYR C 80 -7.95 16.09 -10.31
N LEU C 81 -7.47 16.13 -11.55
CA LEU C 81 -6.67 17.26 -12.04
C LEU C 81 -7.20 17.66 -13.41
N GLN C 82 -7.92 18.78 -13.47
CA GLN C 82 -8.30 19.41 -14.71
C GLN C 82 -7.15 20.26 -15.23
N MET C 83 -6.61 19.89 -16.39
CA MET C 83 -5.62 20.71 -17.07
C MET C 83 -6.20 21.22 -18.38
N ASN C 84 -6.18 22.54 -18.54
CA ASN C 84 -6.78 23.24 -19.65
C ASN C 84 -5.79 24.25 -20.20
N SER C 85 -5.98 24.65 -21.46
CA SER C 85 -5.06 25.54 -22.17
C SER C 85 -3.63 25.02 -22.06
N LEU C 86 -3.47 23.74 -22.39
CA LEU C 86 -2.21 23.06 -22.18
C LEU C 86 -1.14 23.61 -23.12
N ARG C 87 0.05 23.81 -22.59
CA ARG C 87 1.17 24.31 -23.37
C ARG C 87 2.15 23.18 -23.69
N ALA C 88 3.08 23.48 -24.60
CA ALA C 88 3.89 22.44 -25.22
C ALA C 88 4.79 21.72 -24.22
N GLU C 89 5.38 22.46 -23.27
CA GLU C 89 6.33 21.85 -22.35
C GLU C 89 5.68 20.88 -21.37
N ASP C 90 4.35 20.84 -21.32
CA ASP C 90 3.66 19.99 -20.35
C ASP C 90 3.53 18.54 -20.80
N THR C 91 3.95 18.20 -22.02
CA THR C 91 4.00 16.80 -22.41
C THR C 91 4.98 16.05 -21.50
N ALA C 92 4.45 15.10 -20.73
CA ALA C 92 5.22 14.53 -19.64
C ALA C 92 4.50 13.29 -19.12
N VAL C 93 4.97 12.79 -17.99
CA VAL C 93 4.32 11.73 -17.23
C VAL C 93 3.89 12.32 -15.90
N TYR C 94 2.61 12.16 -15.57
CA TYR C 94 2.05 12.67 -14.32
C TYR C 94 1.93 11.54 -13.33
N TYR C 95 2.52 11.74 -12.15
CA TYR C 95 2.41 10.81 -11.04
C TYR C 95 1.49 11.40 -9.99
N CYS C 96 0.59 10.56 -9.49
CA CYS C 96 -0.29 10.90 -8.38
C CYS C 96 0.37 10.40 -7.11
N ALA C 97 0.78 11.33 -6.25
CA ALA C 97 1.60 11.00 -5.09
C ALA C 97 0.86 11.37 -3.80
N ARG C 98 0.88 10.45 -2.85
CA ARG C 98 0.25 10.65 -1.55
C ARG C 98 1.25 11.32 -0.62
N PHE C 99 0.91 12.53 -0.15
CA PHE C 99 1.75 13.35 0.71
C PHE C 99 1.18 13.30 2.12
N PRO C 100 1.68 12.43 2.98
CA PRO C 100 1.13 12.35 4.34
C PRO C 100 1.46 13.59 5.15
N ILE C 101 0.57 13.91 6.08
CA ILE C 101 0.71 15.10 6.90
C ILE C 101 0.43 14.77 8.36
N ALA C 102 -0.14 13.60 8.61
CA ALA C 102 -0.53 13.20 9.95
C ALA C 102 0.64 12.57 10.70
N ARG C 103 0.59 12.68 12.03
CA ARG C 103 1.59 12.09 12.90
C ARG C 103 0.87 11.45 14.07
N THR C 104 0.90 10.12 14.14
CA THR C 104 0.15 9.37 15.15
C THR C 104 0.91 9.23 16.46
N SER C 105 2.13 9.75 16.55
CA SER C 105 2.98 9.78 17.74
C SER C 105 3.47 8.40 18.16
N ASN C 106 3.07 7.33 17.47
CA ASN C 106 3.56 5.99 17.75
C ASN C 106 4.59 5.52 16.73
N SER C 107 4.27 5.60 15.44
CA SER C 107 5.19 5.26 14.38
C SER C 107 4.99 6.26 13.25
N GLN C 108 6.00 7.11 13.02
CA GLN C 108 5.91 8.09 11.95
C GLN C 108 5.93 7.40 10.60
N SER C 109 4.99 7.77 9.73
CA SER C 109 4.86 7.17 8.39
C SER C 109 4.90 8.29 7.36
N SER C 110 6.10 8.67 6.94
CA SER C 110 6.32 9.67 5.90
C SER C 110 5.55 10.97 6.20
N TYR C 111 5.75 11.47 7.43
CA TYR C 111 4.87 12.52 7.94
C TYR C 111 4.92 13.80 7.13
N ASP C 112 5.99 14.05 6.37
CA ASP C 112 6.07 15.26 5.59
C ASP C 112 6.62 15.03 4.19
N GLY C 113 6.80 13.78 3.78
CA GLY C 113 7.32 13.47 2.47
C GLY C 113 6.22 13.13 1.48
N MET C 114 6.63 12.63 0.33
CA MET C 114 5.72 12.24 -0.73
C MET C 114 5.77 10.70 -0.78
N ASP C 115 4.88 10.08 0.00
CA ASP C 115 5.10 8.70 0.44
C ASP C 115 5.02 7.71 -0.72
N VAL C 116 3.85 7.58 -1.34
CA VAL C 116 3.62 6.54 -2.33
C VAL C 116 3.22 7.20 -3.65
N TRP C 117 3.84 6.77 -4.73
CA TRP C 117 3.64 7.34 -6.05
C TRP C 117 2.94 6.32 -6.94
N GLY C 118 1.94 6.77 -7.67
CA GLY C 118 1.25 5.89 -8.59
C GLY C 118 2.09 5.57 -9.81
N GLN C 119 1.56 4.68 -10.64
CA GLN C 119 2.27 4.28 -11.85
C GLN C 119 2.48 5.46 -12.79
N GLY C 120 1.59 6.46 -12.72
CA GLY C 120 1.72 7.65 -13.54
C GLY C 120 1.23 7.44 -14.96
N THR C 121 0.45 8.39 -15.46
CA THR C 121 0.01 8.37 -16.84
C THR C 121 0.91 9.26 -17.69
N LEU C 122 0.71 9.23 -19.00
CA LEU C 122 1.54 10.00 -19.91
C LEU C 122 0.65 10.90 -20.76
N VAL C 123 0.94 12.20 -20.75
CA VAL C 123 0.15 13.20 -21.45
C VAL C 123 1.01 13.78 -22.57
N THR C 124 0.51 13.72 -23.79
CA THR C 124 1.16 14.30 -24.96
C THR C 124 0.35 15.50 -25.43
N VAL C 125 0.92 16.69 -25.28
CA VAL C 125 0.31 17.93 -25.77
C VAL C 125 0.90 18.20 -27.14
N SER C 126 0.25 17.68 -28.17
CA SER C 126 0.71 17.83 -29.54
C SER C 126 -0.45 17.67 -30.49
N SER C 127 -0.44 18.44 -31.57
CA SER C 127 -1.47 18.34 -32.60
C SER C 127 -1.24 17.21 -33.58
N ALA C 128 -0.06 16.56 -33.53
CA ALA C 128 0.22 15.46 -34.43
C ALA C 128 -0.67 14.26 -34.14
N SER C 129 -1.17 13.63 -35.19
CA SER C 129 -2.03 12.47 -35.05
C SER C 129 -1.20 11.22 -34.75
N THR C 130 -1.91 10.16 -34.35
CA THR C 130 -1.26 8.90 -34.03
C THR C 130 -0.88 8.14 -35.29
N LYS C 131 0.00 7.16 -35.12
CA LYS C 131 0.38 6.27 -36.20
C LYS C 131 0.79 4.93 -35.61
N GLY C 132 0.27 3.84 -36.18
CA GLY C 132 0.56 2.51 -35.70
C GLY C 132 2.02 2.15 -35.84
N PRO C 133 2.55 1.42 -34.87
CA PRO C 133 3.95 1.01 -34.92
C PRO C 133 4.22 0.06 -36.09
N SER C 134 5.44 0.14 -36.62
CA SER C 134 5.90 -0.73 -37.69
C SER C 134 7.06 -1.57 -37.17
N VAL C 135 6.88 -2.88 -37.16
CA VAL C 135 7.84 -3.79 -36.54
C VAL C 135 8.65 -4.48 -37.62
N PHE C 136 9.97 -4.54 -37.43
CA PHE C 136 10.90 -5.03 -38.42
C PHE C 136 11.94 -5.92 -37.73
N PRO C 137 11.97 -7.23 -38.02
CA PRO C 137 12.87 -8.13 -37.27
C PRO C 137 14.30 -8.05 -37.79
N LEU C 138 15.24 -7.93 -36.86
CA LEU C 138 16.67 -7.90 -37.16
C LEU C 138 17.16 -9.27 -37.60
N ALA C 151 22.89 -12.09 -31.41
CA ALA C 151 21.88 -11.35 -30.67
C ALA C 151 20.70 -10.98 -31.57
N LEU C 152 19.57 -11.66 -31.36
CA LEU C 152 18.38 -11.39 -32.14
C LEU C 152 17.69 -10.12 -31.67
N GLY C 153 17.23 -9.31 -32.62
CA GLY C 153 16.61 -8.04 -32.30
C GLY C 153 15.38 -7.81 -33.15
N CYS C 154 14.69 -6.72 -32.83
CA CYS C 154 13.52 -6.30 -33.61
C CYS C 154 13.28 -4.82 -33.40
N LEU C 155 13.38 -4.04 -34.48
CA LEU C 155 13.08 -2.62 -34.46
C LEU C 155 11.58 -2.39 -34.46
N VAL C 156 11.16 -1.31 -33.79
CA VAL C 156 9.79 -0.81 -33.84
C VAL C 156 9.88 0.67 -34.14
N LYS C 157 9.51 1.06 -35.36
CA LYS C 157 9.70 2.41 -35.85
C LYS C 157 8.36 3.01 -36.27
N ASP C 158 8.29 4.34 -36.26
CA ASP C 158 7.14 5.08 -36.77
C ASP C 158 5.88 4.73 -35.98
N TYR C 159 5.94 5.00 -34.68
CA TYR C 159 4.79 4.91 -33.80
C TYR C 159 4.67 6.22 -33.03
N PHE C 160 3.44 6.68 -32.85
CA PHE C 160 3.22 7.92 -32.13
C PHE C 160 1.96 7.78 -31.28
N PRO C 161 2.02 8.15 -30.00
CA PRO C 161 3.21 8.66 -29.29
C PRO C 161 3.82 7.63 -28.36
N GLU C 162 4.94 7.99 -27.74
CA GLU C 162 5.51 7.18 -26.67
C GLU C 162 4.50 7.12 -25.52
N PRO C 163 4.40 6.00 -24.79
CA PRO C 163 5.19 4.77 -24.87
C PRO C 163 4.58 3.67 -25.72
N VAL C 164 5.40 2.67 -26.01
CA VAL C 164 4.96 1.40 -26.60
C VAL C 164 5.57 0.28 -25.78
N THR C 165 4.81 -0.77 -25.53
CA THR C 165 5.28 -1.90 -24.74
C THR C 165 5.84 -2.95 -25.67
N VAL C 166 7.16 -3.12 -25.64
CA VAL C 166 7.87 -4.04 -26.53
C VAL C 166 8.51 -5.15 -25.69
N SER C 167 8.38 -6.38 -26.16
CA SER C 167 8.86 -7.54 -25.42
C SER C 167 9.17 -8.67 -26.39
N TRP C 168 9.93 -9.65 -25.90
CA TRP C 168 10.28 -10.82 -26.68
C TRP C 168 9.46 -12.02 -26.22
N ASN C 169 8.80 -12.67 -27.19
CA ASN C 169 8.00 -13.87 -26.94
C ASN C 169 6.91 -13.62 -25.89
N SER C 170 6.32 -12.42 -25.94
CA SER C 170 5.24 -12.03 -25.04
C SER C 170 5.62 -12.19 -23.57
N GLY C 171 6.86 -11.85 -23.26
CA GLY C 171 7.36 -11.94 -21.89
C GLY C 171 7.89 -13.30 -21.48
N ALA C 172 7.79 -14.31 -22.34
CA ALA C 172 8.34 -15.62 -22.00
C ALA C 172 9.85 -15.57 -21.91
N LEU C 173 10.50 -14.98 -22.90
CA LEU C 173 11.95 -14.80 -22.90
C LEU C 173 12.25 -13.44 -22.29
N THR C 174 12.82 -13.45 -21.09
CA THR C 174 13.02 -12.24 -20.29
C THR C 174 14.48 -11.86 -20.13
N SER C 175 15.36 -12.82 -19.89
CA SER C 175 16.76 -12.52 -19.67
C SER C 175 17.41 -12.00 -20.94
N GLY C 176 18.22 -10.95 -20.81
CA GLY C 176 18.95 -10.39 -21.92
C GLY C 176 18.17 -9.44 -22.81
N VAL C 177 16.91 -9.15 -22.48
CA VAL C 177 16.09 -8.25 -23.30
C VAL C 177 16.41 -6.82 -22.86
N HIS C 178 17.18 -6.11 -23.68
CA HIS C 178 17.52 -4.71 -23.44
C HIS C 178 16.67 -3.83 -24.33
N THR C 179 16.04 -2.83 -23.72
CA THR C 179 15.20 -1.87 -24.43
C THR C 179 15.81 -0.49 -24.27
N PHE C 180 16.08 0.17 -25.37
CA PHE C 180 16.61 1.53 -25.26
C PHE C 180 15.51 2.55 -25.48
N PRO C 181 15.61 3.71 -24.85
CA PRO C 181 14.54 4.72 -24.98
C PRO C 181 14.38 5.17 -26.43
N ALA C 182 13.14 5.49 -26.78
CA ALA C 182 12.83 5.94 -28.13
C ALA C 182 13.45 7.31 -28.39
N VAL C 183 13.49 7.68 -29.67
CA VAL C 183 14.10 8.93 -30.10
C VAL C 183 13.06 9.76 -30.83
N LEU C 184 13.32 11.06 -30.90
CA LEU C 184 12.48 12.01 -31.61
C LEU C 184 13.12 12.29 -32.96
N GLN C 185 12.53 11.72 -34.02
CA GLN C 185 13.12 11.80 -35.35
C GLN C 185 12.69 13.08 -36.06
N SER C 186 13.18 13.26 -37.29
CA SER C 186 12.81 14.43 -38.08
C SER C 186 11.32 14.45 -38.37
N SER C 187 10.75 13.29 -38.66
CA SER C 187 9.30 13.18 -38.85
C SER C 187 8.54 13.27 -37.55
N GLY C 188 9.21 13.34 -36.41
CA GLY C 188 8.54 13.36 -35.14
C GLY C 188 7.99 12.02 -34.70
N LEU C 189 8.50 10.93 -35.25
CA LEU C 189 7.95 9.60 -35.04
C LEU C 189 8.99 8.76 -34.28
N TYR C 190 8.57 8.12 -33.20
CA TYR C 190 9.51 7.45 -32.32
C TYR C 190 9.88 6.07 -32.83
N SER C 191 10.96 5.52 -32.26
CA SER C 191 11.48 4.21 -32.66
C SER C 191 12.33 3.62 -31.54
N LEU C 192 12.07 2.37 -31.20
CA LEU C 192 12.89 1.58 -30.28
C LEU C 192 13.33 0.30 -30.98
N SER C 193 13.99 -0.58 -30.23
CA SER C 193 14.29 -1.92 -30.70
C SER C 193 14.59 -2.80 -29.50
N SER C 194 14.08 -4.03 -29.55
CA SER C 194 14.31 -5.01 -28.48
C SER C 194 15.33 -6.04 -28.94
N VAL C 195 16.38 -6.21 -28.17
CA VAL C 195 17.49 -7.09 -28.53
C VAL C 195 17.76 -8.07 -27.38
N VAL C 196 18.28 -9.24 -27.75
CA VAL C 196 18.63 -10.26 -26.77
C VAL C 196 20.10 -10.64 -26.93
N THR C 209 9.62 -14.44 -31.39
CA THR C 209 8.71 -13.39 -31.84
C THR C 209 8.76 -12.18 -30.91
N CYS C 210 8.44 -11.01 -31.46
CA CYS C 210 8.38 -9.77 -30.69
C CYS C 210 6.94 -9.30 -30.58
N ASN C 211 6.54 -8.96 -29.36
CA ASN C 211 5.22 -8.38 -29.09
C ASN C 211 5.38 -6.88 -28.91
N VAL C 212 4.71 -6.11 -29.76
CA VAL C 212 4.69 -4.65 -29.70
C VAL C 212 3.23 -4.23 -29.48
N ASP C 213 2.96 -3.61 -28.34
CA ASP C 213 1.61 -3.23 -27.96
C ASP C 213 1.59 -1.72 -27.79
N HIS C 214 0.84 -1.03 -28.64
CA HIS C 214 0.72 0.43 -28.61
C HIS C 214 -0.68 0.77 -28.11
N LYS C 215 -0.76 1.23 -26.86
CA LYS C 215 -2.05 1.57 -26.28
C LYS C 215 -2.71 2.77 -26.96
N PRO C 216 -2.03 3.90 -27.20
CA PRO C 216 -2.73 5.06 -27.79
C PRO C 216 -3.37 4.74 -29.14
N SER C 217 -2.70 3.97 -29.97
CA SER C 217 -3.28 3.47 -31.20
C SER C 217 -3.95 2.12 -31.03
N ASN C 218 -3.79 1.49 -29.87
CA ASN C 218 -4.50 0.26 -29.51
C ASN C 218 -4.25 -0.88 -30.50
N THR C 219 -2.98 -1.04 -30.89
CA THR C 219 -2.60 -2.12 -31.81
C THR C 219 -1.65 -3.08 -31.12
N LYS C 220 -1.94 -4.37 -31.21
CA LYS C 220 -1.09 -5.44 -30.72
C LYS C 220 -0.51 -6.16 -31.92
N VAL C 221 0.82 -6.19 -32.03
CA VAL C 221 1.50 -6.76 -33.18
C VAL C 221 2.45 -7.85 -32.70
N ASP C 222 2.35 -9.03 -33.30
CA ASP C 222 3.22 -10.17 -33.00
C ASP C 222 4.04 -10.47 -34.25
N LYS C 223 5.33 -10.16 -34.21
CA LYS C 223 6.19 -10.39 -35.35
C LYS C 223 7.29 -11.41 -35.03
C1 NAG D . -33.38 -0.25 21.64
C2 NAG D . -33.43 -0.83 23.05
C3 NAG D . -33.65 -2.33 23.00
C4 NAG D . -34.86 -2.68 22.15
C5 NAG D . -34.73 -2.04 20.78
C6 NAG D . -35.95 -2.24 19.91
C7 NAG D . -32.20 0.33 24.83
C8 NAG D . -30.86 0.54 25.48
N2 NAG D . -32.23 -0.51 23.80
O3 NAG D . -33.82 -2.83 24.33
O4 NAG D . -34.97 -4.09 22.01
O5 NAG D . -34.56 -0.62 20.92
O6 NAG D . -36.10 -3.60 19.53
O7 NAG D . -33.21 0.90 25.23
#